data_5Z6H
#
_entry.id   5Z6H
#
_cell.length_a   55.250
_cell.length_b   127.909
_cell.length_c   156.139
_cell.angle_alpha   90.00
_cell.angle_beta   90.00
_cell.angle_gamma   90.00
#
_symmetry.space_group_name_H-M   'P 21 21 21'
#
loop_
_entity.id
_entity.type
_entity.pdbx_description
1 polymer 'Periplasmic trehalase'
2 non-polymer 'SULFATE ION'
3 non-polymer GLYCEROL
4 water water
#
_entity_poly.entity_id   1
_entity_poly.type   'polypeptide(L)'
_entity_poly.pdbx_seq_one_letter_code
;MGSSHHHHHHSSGLVPRGSHMASMTGGQQMGRGSEFDDNPATQTTSPDILLGPLFNDVQSAKLFPDQKTFADAVPKSDPL
MILADYRMQHTQSSFDLRHFVEMNFTLPAEGEKYVPPAGQSLREHIDDLWPVLTRTTDKASNKWDSLLPLPKPYVVPGGR
FREVYYWDSYFTMLGLAESDHWDKISDMVDNFAYEIDTFGHIPNGNRSYYLSRSQPPFFSMMVELLATHDSDALKKYRPQ
MEKEYAYWMDGVDALQPGQANKRVVKLDDGAILNRYWDDRDTPRPESWLDDVNTAKSNPNRPATEIYRDLRSAAASGWDF
SSRWMDDPQKLGTIRTTSIVPVDLNALMFKMEKLLARASQESGDAASASKYEALATARQKAIESHLWNDKEGWYADYDLK
SKKVRNQLTAAALFPLYVKAAAQDRADKVAAATSSRLLKPGGIATTTVNSGQQWDAPNGWAPLQWVAAEGLQNYGQEKVS
MDVTWRFLKNVQHTYDREKKLVEKYDVSTTGTGGGGGEYPLQDGFGWSNGVTLKMLDRVCPKAKPCDSVPENQPAANDEV
APV
;
_entity_poly.pdbx_strand_id   A,B
#
loop_
_chem_comp.id
_chem_comp.type
_chem_comp.name
_chem_comp.formula
GOL non-polymer GLYCEROL 'C3 H8 O3'
SO4 non-polymer 'SULFATE ION' 'O4 S -2'
#
# COMPACT_ATOMS: atom_id res chain seq x y z
N GLN A 43 11.38 -4.04 16.71
CA GLN A 43 12.12 -3.34 15.68
C GLN A 43 11.16 -2.58 14.78
N THR A 44 10.69 -3.24 13.71
CA THR A 44 10.16 -2.55 12.56
C THR A 44 8.63 -2.53 12.47
N THR A 45 7.92 -3.03 13.46
CA THR A 45 6.46 -2.87 13.47
C THR A 45 6.10 -1.62 14.25
N SER A 46 5.44 -0.68 13.58
CA SER A 46 5.16 0.59 14.21
C SER A 46 4.06 0.39 15.26
N PRO A 47 4.03 1.24 16.29
CA PRO A 47 3.15 0.96 17.44
C PRO A 47 1.66 0.91 17.11
N ASP A 48 1.21 1.53 16.02
CA ASP A 48 -0.23 1.51 15.74
C ASP A 48 -0.70 0.15 15.27
N ILE A 49 0.17 -0.61 14.59
CA ILE A 49 -0.16 -1.99 14.24
C ILE A 49 0.09 -2.91 15.43
N LEU A 50 1.13 -2.61 16.21
CA LEU A 50 1.50 -3.45 17.34
C LEU A 50 0.41 -3.47 18.39
N LEU A 51 -0.16 -2.32 18.71
CA LEU A 51 -1.10 -2.20 19.81
C LEU A 51 -2.54 -2.11 19.35
N GLY A 52 -2.76 -2.10 18.04
CA GLY A 52 -4.09 -2.18 17.46
C GLY A 52 -5.07 -1.19 18.04
N PRO A 53 -6.23 -1.68 18.49
CA PRO A 53 -7.26 -0.77 19.03
C PRO A 53 -6.87 -0.11 20.34
N LEU A 54 -5.95 -0.67 21.11
CA LEU A 54 -5.49 0.02 22.32
C LEU A 54 -4.77 1.31 21.98
N PHE A 55 -3.99 1.32 20.88
CA PHE A 55 -3.28 2.54 20.48
C PHE A 55 -4.27 3.63 20.07
N ASN A 56 -5.23 3.30 19.21
CA ASN A 56 -6.25 4.28 18.84
C ASN A 56 -7.08 4.70 20.06
N ASP A 57 -7.28 3.79 21.01
CA ASP A 57 -8.01 4.14 22.22
C ASP A 57 -7.23 5.15 23.06
N VAL A 58 -5.94 4.88 23.28
CA VAL A 58 -5.15 5.77 24.13
C VAL A 58 -4.99 7.14 23.48
N GLN A 59 -4.75 7.18 22.18
CA GLN A 59 -4.55 8.47 21.52
C GLN A 59 -5.84 9.27 21.48
N SER A 60 -6.96 8.59 21.16
CA SER A 60 -8.24 9.28 21.09
C SER A 60 -8.67 9.83 22.44
N ALA A 61 -8.32 9.14 23.52
CA ALA A 61 -8.68 9.61 24.85
C ALA A 61 -7.89 10.86 25.27
N LYS A 62 -6.92 11.29 24.46
CA LYS A 62 -6.07 12.43 24.77
C LYS A 62 -5.43 12.28 26.15
N LEU A 63 -5.13 11.02 26.49
CA LEU A 63 -4.55 10.69 27.78
C LEU A 63 -3.24 11.43 28.04
N PHE A 64 -2.55 11.85 26.99
CA PHE A 64 -1.31 12.60 27.11
C PHE A 64 -1.40 13.88 26.30
N PRO A 65 -0.66 14.91 26.71
CA PRO A 65 -0.73 16.19 25.99
C PRO A 65 -0.14 16.11 24.60
N ASP A 66 0.92 15.32 24.42
CA ASP A 66 1.54 15.14 23.12
C ASP A 66 1.12 13.78 22.55
N GLN A 67 0.74 13.77 21.27
CA GLN A 67 0.45 12.48 20.65
C GLN A 67 1.70 11.63 20.50
N LYS A 68 2.87 12.26 20.42
CA LYS A 68 4.10 11.48 20.29
C LYS A 68 4.43 10.68 21.54
N THR A 69 3.94 11.09 22.71
CA THR A 69 4.33 10.43 23.95
C THR A 69 4.02 8.94 23.93
N PHE A 70 2.76 8.58 23.61
CA PHE A 70 2.41 7.16 23.59
C PHE A 70 2.96 6.44 22.37
N ALA A 71 3.23 7.17 21.27
CA ALA A 71 3.96 6.56 20.17
C ALA A 71 5.31 6.03 20.60
N ASP A 72 5.88 6.59 21.67
CA ASP A 72 7.21 6.21 22.17
C ASP A 72 7.14 5.38 23.44
N ALA A 73 5.95 4.99 23.89
CA ALA A 73 5.83 4.16 25.08
C ALA A 73 6.28 2.75 24.76
N VAL A 74 7.11 2.16 25.62
CA VAL A 74 7.71 0.85 25.39
C VAL A 74 6.92 -0.19 26.19
N PRO A 75 6.31 -1.19 25.55
CA PRO A 75 5.60 -2.23 26.29
C PRO A 75 6.49 -2.93 27.31
N LYS A 76 5.90 -3.27 28.46
CA LYS A 76 6.60 -4.03 29.49
C LYS A 76 6.53 -5.52 29.27
N SER A 77 5.64 -6.00 28.38
CA SER A 77 5.55 -7.40 28.07
C SER A 77 5.06 -7.53 26.63
N ASP A 78 4.77 -8.77 26.24
CA ASP A 78 4.27 -9.06 24.89
C ASP A 78 3.00 -8.27 24.61
N PRO A 79 2.99 -7.43 23.58
CA PRO A 79 1.75 -6.69 23.27
C PRO A 79 0.56 -7.59 23.05
N LEU A 80 0.79 -8.84 22.65
CA LEU A 80 -0.32 -9.78 22.52
C LEU A 80 -0.97 -10.05 23.88
N MET A 81 -0.15 -10.18 24.92
CA MET A 81 -0.69 -10.28 26.27
C MET A 81 -1.39 -8.99 26.68
N ILE A 82 -0.69 -7.86 26.57
CA ILE A 82 -1.27 -6.56 26.92
C ILE A 82 -2.63 -6.39 26.26
N LEU A 83 -2.72 -6.74 24.96
CA LEU A 83 -3.97 -6.56 24.23
C LEU A 83 -5.08 -7.46 24.76
N ALA A 84 -4.80 -8.75 24.91
CA ALA A 84 -5.78 -9.66 25.51
C ALA A 84 -6.14 -9.22 26.93
N ASP A 85 -5.14 -8.76 27.69
CA ASP A 85 -5.45 -8.14 28.98
C ASP A 85 -6.44 -6.99 28.81
N TYR A 86 -6.14 -6.10 27.86
CA TYR A 86 -6.96 -4.90 27.66
C TYR A 86 -8.40 -5.24 27.28
N ARG A 87 -8.60 -6.24 26.42
CA ARG A 87 -9.95 -6.46 25.91
C ARG A 87 -10.90 -6.98 26.99
N MET A 88 -10.36 -7.68 27.99
CA MET A 88 -11.21 -8.14 29.08
C MET A 88 -11.47 -7.01 30.07
N GLN A 89 -10.41 -6.45 30.64
CA GLN A 89 -10.53 -5.44 31.70
C GLN A 89 -10.50 -4.02 31.12
N HIS A 90 -11.49 -3.73 30.29
CA HIS A 90 -11.58 -2.42 29.64
C HIS A 90 -11.86 -1.32 30.67
N ASP A 96 -10.06 1.93 34.49
CA ASP A 96 -9.13 3.06 34.44
C ASP A 96 -8.04 2.85 33.36
N LEU A 97 -8.14 3.61 32.27
CA LEU A 97 -7.18 3.45 31.17
C LEU A 97 -5.82 3.99 31.54
N ARG A 98 -5.76 5.07 32.32
CA ARG A 98 -4.47 5.66 32.69
C ARG A 98 -3.65 4.67 33.53
N HIS A 99 -4.31 3.99 34.47
CA HIS A 99 -3.58 3.02 35.28
C HIS A 99 -3.14 1.82 34.44
N PHE A 100 -4.04 1.33 33.58
CA PHE A 100 -3.70 0.19 32.74
C PHE A 100 -2.48 0.49 31.88
N VAL A 101 -2.35 1.73 31.40
CA VAL A 101 -1.22 2.09 30.56
C VAL A 101 0.05 2.13 31.39
N GLU A 102 -0.02 2.72 32.58
CA GLU A 102 1.17 2.82 33.42
C GLU A 102 1.71 1.45 33.82
N MET A 103 0.81 0.47 34.01
CA MET A 103 1.24 -0.87 34.43
C MET A 103 1.78 -1.71 33.28
N ASN A 104 1.59 -1.29 32.03
CA ASN A 104 1.99 -2.12 30.91
C ASN A 104 2.96 -1.45 29.95
N PHE A 105 3.33 -0.19 30.21
CA PHE A 105 4.25 0.54 29.34
C PHE A 105 5.15 1.40 30.20
N THR A 106 6.42 1.46 29.84
CA THR A 106 7.31 2.48 30.39
C THR A 106 7.22 3.68 29.46
N LEU A 107 6.50 4.71 29.89
CA LEU A 107 6.36 5.92 29.10
C LEU A 107 7.72 6.60 28.93
N PRO A 108 7.87 7.44 27.91
CA PRO A 108 9.14 8.14 27.72
C PRO A 108 9.52 8.92 28.96
N ALA A 109 10.75 8.71 29.43
CA ALA A 109 11.22 9.42 30.60
C ALA A 109 11.25 10.92 30.35
N GLU A 110 10.85 11.70 31.37
CA GLU A 110 11.07 13.14 31.35
C GLU A 110 12.54 13.40 31.05
N GLY A 111 12.82 13.95 29.87
CA GLY A 111 14.17 14.02 29.37
C GLY A 111 15.10 15.02 30.03
N GLU A 112 16.21 15.30 29.36
CA GLU A 112 17.27 16.15 29.92
C GLU A 112 16.94 17.62 29.71
N LYS A 113 17.05 18.40 30.79
CA LYS A 113 16.85 19.85 30.78
C LYS A 113 18.20 20.51 30.98
N TYR A 114 19.01 20.52 29.94
CA TYR A 114 20.36 21.04 30.07
C TYR A 114 20.34 22.56 30.19
N VAL A 115 21.03 23.09 31.18
CA VAL A 115 21.19 24.53 31.40
C VAL A 115 22.66 24.87 31.21
N PRO A 116 23.02 25.68 30.22
CA PRO A 116 24.41 26.12 30.10
C PRO A 116 24.69 27.26 31.06
N PRO A 117 25.96 27.50 31.40
CA PRO A 117 26.27 28.72 32.15
C PRO A 117 25.92 29.97 31.33
N ALA A 118 25.50 31.01 32.01
CA ALA A 118 25.11 32.24 31.35
C ALA A 118 26.33 33.03 30.87
N GLY A 119 26.08 34.04 30.06
CA GLY A 119 27.13 34.95 29.64
C GLY A 119 28.04 34.44 28.55
N GLN A 120 27.66 33.40 27.83
CA GLN A 120 28.47 32.96 26.72
C GLN A 120 28.14 33.78 25.48
N SER A 121 29.15 33.99 24.65
CA SER A 121 28.86 34.56 23.34
C SER A 121 28.08 33.54 22.51
N LEU A 122 27.47 34.05 21.43
CA LEU A 122 26.69 33.19 20.54
C LEU A 122 27.51 32.02 20.00
N ARG A 123 28.78 32.26 19.64
CA ARG A 123 29.57 31.18 19.07
C ARG A 123 30.00 30.17 20.13
N GLU A 124 30.51 30.66 21.26
CA GLU A 124 30.88 29.74 22.34
C GLU A 124 29.67 28.94 22.79
N HIS A 125 28.51 29.60 22.87
CA HIS A 125 27.28 28.92 23.27
C HIS A 125 26.95 27.78 22.32
N ILE A 126 26.99 28.04 21.01
CA ILE A 126 26.76 27.00 20.01
C ILE A 126 27.83 25.92 20.12
N ASP A 127 29.10 26.33 20.11
CA ASP A 127 30.17 25.33 20.10
C ASP A 127 30.13 24.46 21.33
N ASP A 128 29.84 25.04 22.49
CA ASP A 128 29.76 24.22 23.69
C ASP A 128 28.60 23.25 23.65
N LEU A 129 27.63 23.44 22.75
CA LEU A 129 26.46 22.57 22.72
C LEU A 129 26.67 21.28 21.92
N TRP A 130 27.55 21.27 20.91
CA TRP A 130 27.80 20.05 20.14
C TRP A 130 28.07 18.83 21.01
N PRO A 131 29.02 18.85 21.96
CA PRO A 131 29.17 17.67 22.82
C PRO A 131 27.91 17.33 23.58
N VAL A 132 27.20 18.35 24.06
CA VAL A 132 26.03 18.16 24.92
C VAL A 132 24.90 17.45 24.19
N LEU A 133 24.79 17.62 22.87
CA LEU A 133 23.71 17.01 22.10
C LEU A 133 24.14 15.76 21.33
N THR A 134 25.37 15.30 21.51
CA THR A 134 25.76 14.00 20.99
C THR A 134 25.15 12.91 21.85
N ARG A 135 24.42 11.99 21.23
CA ARG A 135 23.86 10.87 21.96
C ARG A 135 24.02 9.58 21.19
N THR A 136 24.12 8.49 21.95
CA THR A 136 24.31 7.14 21.44
C THR A 136 23.13 6.31 21.88
N THR A 137 22.37 5.78 20.93
CA THR A 137 21.32 4.82 21.24
C THR A 137 21.70 3.53 20.53
N ASP A 138 22.50 2.70 21.22
CA ASP A 138 23.15 1.53 20.63
C ASP A 138 22.21 0.33 20.57
N LYS A 139 21.50 0.07 21.68
CA LYS A 139 20.48 -0.95 21.79
C LYS A 139 19.14 -0.28 22.05
N ALA A 140 18.07 -1.05 21.90
CA ALA A 140 16.72 -0.65 22.31
C ALA A 140 16.38 -1.30 23.64
N SER A 141 15.36 -0.75 24.31
CA SER A 141 15.04 -1.24 25.66
C SER A 141 14.53 -2.67 25.62
N ASN A 142 13.75 -3.01 24.60
CA ASN A 142 13.34 -4.39 24.37
C ASN A 142 13.00 -4.52 22.89
N LYS A 143 12.57 -5.72 22.50
CA LYS A 143 12.25 -5.97 21.10
C LYS A 143 11.16 -5.04 20.59
N TRP A 144 10.31 -4.53 21.49
CA TRP A 144 9.13 -3.76 21.11
C TRP A 144 9.35 -2.25 21.20
N ASP A 145 10.59 -1.78 21.31
CA ASP A 145 10.84 -0.34 21.40
C ASP A 145 10.76 0.29 20.01
N SER A 146 10.08 1.44 19.90
CA SER A 146 9.96 2.10 18.60
C SER A 146 11.27 2.72 18.11
N LEU A 147 12.19 3.05 19.02
CA LEU A 147 13.48 3.61 18.64
C LEU A 147 14.30 2.58 17.84
N LEU A 148 14.65 2.91 16.59
CA LEU A 148 15.52 2.02 15.81
C LEU A 148 16.97 2.25 16.22
N PRO A 149 17.68 1.24 16.73
CA PRO A 149 19.07 1.45 17.16
C PRO A 149 19.97 1.76 15.97
N LEU A 150 21.03 2.51 16.25
CA LEU A 150 21.96 2.99 15.24
C LEU A 150 23.39 2.67 15.65
N PRO A 151 24.27 2.43 14.66
CA PRO A 151 25.68 2.09 14.98
C PRO A 151 26.44 3.12 15.80
N LYS A 152 26.27 4.41 15.52
CA LYS A 152 27.22 5.41 15.97
C LYS A 152 26.53 6.53 16.74
N PRO A 153 27.30 7.32 17.49
CA PRO A 153 26.73 8.53 18.10
C PRO A 153 26.22 9.48 17.03
N TYR A 154 25.12 10.16 17.34
CA TYR A 154 24.56 11.16 16.44
C TYR A 154 24.24 12.43 17.23
N VAL A 155 24.02 13.52 16.50
CA VAL A 155 23.75 14.83 17.11
C VAL A 155 22.27 15.16 16.90
N VAL A 156 21.57 15.40 18.01
CA VAL A 156 20.14 15.72 17.96
C VAL A 156 19.96 17.23 17.88
N PRO A 157 18.83 17.72 17.38
CA PRO A 157 18.57 19.17 17.41
C PRO A 157 18.52 19.76 18.81
N GLY A 158 17.95 19.05 19.76
CA GLY A 158 17.85 19.52 21.14
C GLY A 158 17.83 18.36 22.12
N GLY A 159 18.30 18.62 23.34
CA GLY A 159 18.35 17.56 24.35
C GLY A 159 17.01 16.88 24.58
N ARG A 160 15.91 17.61 24.41
CA ARG A 160 14.59 16.99 24.54
C ARG A 160 14.18 16.17 23.32
N PHE A 161 15.02 16.08 22.28
CA PHE A 161 14.71 15.23 21.14
C PHE A 161 15.02 13.77 21.47
N ARG A 162 14.09 12.88 21.10
CA ARG A 162 14.20 11.47 21.41
C ARG A 162 14.69 10.64 20.24
N GLU A 163 14.96 11.27 19.09
CA GLU A 163 15.43 10.54 17.91
C GLU A 163 16.11 11.55 17.01
N VAL A 164 16.68 11.07 15.92
CA VAL A 164 17.43 11.92 15.00
C VAL A 164 16.76 11.86 13.63
N TYR A 165 16.85 12.97 12.88
CA TYR A 165 16.13 13.11 11.62
C TYR A 165 17.11 13.25 10.47
N TYR A 166 16.57 13.17 9.24
CA TYR A 166 17.37 13.18 8.02
C TYR A 166 17.84 14.60 7.68
N TRP A 167 17.03 15.40 6.97
CA TRP A 167 17.58 16.57 6.29
C TRP A 167 18.14 17.62 7.23
N ASP A 168 17.58 17.80 8.43
CA ASP A 168 18.14 18.80 9.34
C ASP A 168 19.56 18.44 9.74
N SER A 169 19.90 17.16 9.72
CA SER A 169 21.24 16.75 10.13
C SER A 169 22.30 17.33 9.21
N TYR A 170 22.02 17.45 7.91
CA TYR A 170 22.98 18.07 7.00
C TYR A 170 23.39 19.47 7.46
N PHE A 171 22.41 20.29 7.88
CA PHE A 171 22.72 21.64 8.33
C PHE A 171 23.33 21.64 9.71
N THR A 172 22.95 20.69 10.56
CA THR A 172 23.70 20.46 11.78
C THR A 172 25.14 20.07 11.46
N MET A 173 25.34 19.24 10.41
CA MET A 173 26.68 18.82 10.03
C MET A 173 27.52 19.97 9.47
N LEU A 174 26.88 20.98 8.85
CA LEU A 174 27.65 22.16 8.44
C LEU A 174 28.30 22.83 9.64
N GLY A 175 27.59 22.87 10.77
CA GLY A 175 28.14 23.48 11.96
C GLY A 175 29.26 22.65 12.54
N LEU A 176 29.05 21.34 12.64
CA LEU A 176 30.09 20.40 13.07
C LEU A 176 31.34 20.54 12.22
N ALA A 177 31.17 20.60 10.90
CA ALA A 177 32.30 20.80 10.01
C ALA A 177 33.00 22.09 10.33
N GLU A 178 32.22 23.17 10.51
CA GLU A 178 32.78 24.49 10.77
C GLU A 178 33.63 24.49 12.04
N SER A 179 33.18 23.77 13.07
CA SER A 179 33.89 23.72 14.34
C SER A 179 34.72 22.45 14.48
N ASP A 180 35.00 21.77 13.36
CA ASP A 180 36.06 20.77 13.26
C ASP A 180 35.70 19.49 14.02
N HIS A 181 34.42 19.09 13.96
CA HIS A 181 33.95 17.85 14.59
C HIS A 181 33.73 16.76 13.53
N TRP A 182 34.80 16.42 12.84
CA TRP A 182 34.67 15.49 11.73
C TRP A 182 34.31 14.09 12.17
N ASP A 183 34.73 13.67 13.36
CA ASP A 183 34.34 12.35 13.80
C ASP A 183 32.83 12.25 13.98
N LYS A 184 32.22 13.27 14.59
CA LYS A 184 30.76 13.31 14.73
C LYS A 184 30.09 13.21 13.36
N ILE A 185 30.62 13.95 12.38
CA ILE A 185 30.09 13.90 11.02
C ILE A 185 30.24 12.49 10.44
N SER A 186 31.42 11.89 10.61
CA SER A 186 31.61 10.56 10.08
C SER A 186 30.72 9.55 10.80
N ASP A 187 30.49 9.75 12.09
CA ASP A 187 29.54 8.90 12.82
C ASP A 187 28.15 8.99 12.21
N MET A 188 27.71 10.20 11.84
CA MET A 188 26.35 10.36 11.34
C MET A 188 26.22 9.86 9.92
N VAL A 189 27.26 10.04 9.09
CA VAL A 189 27.24 9.46 7.75
C VAL A 189 27.22 7.94 7.80
N ASP A 190 27.96 7.34 8.76
CA ASP A 190 27.87 5.89 8.95
C ASP A 190 26.45 5.48 9.30
N ASN A 191 25.82 6.21 10.23
CA ASN A 191 24.45 5.91 10.62
C ASN A 191 23.52 5.93 9.41
N PHE A 192 23.65 6.95 8.55
CA PHE A 192 22.78 7.06 7.38
C PHE A 192 23.09 5.97 6.36
N ALA A 193 24.36 5.59 6.22
CA ALA A 193 24.68 4.48 5.33
C ALA A 193 24.11 3.18 5.86
N TYR A 194 24.19 2.97 7.18
CA TYR A 194 23.59 1.80 7.80
C TYR A 194 22.10 1.74 7.50
N GLU A 195 21.40 2.88 7.63
CA GLU A 195 19.96 2.89 7.37
C GLU A 195 19.66 2.56 5.92
N ILE A 196 20.48 3.08 4.99
CA ILE A 196 20.28 2.77 3.58
C ILE A 196 20.45 1.28 3.33
N ASP A 197 21.46 0.66 3.95
CA ASP A 197 21.70 -0.76 3.75
C ASP A 197 20.70 -1.64 4.49
N THR A 198 20.13 -1.17 5.59
CA THR A 198 19.19 -1.98 6.37
C THR A 198 17.74 -1.78 5.95
N PHE A 199 17.32 -0.55 5.64
CA PHE A 199 15.92 -0.28 5.33
C PHE A 199 15.68 0.10 3.88
N GLY A 200 16.74 0.21 3.06
CA GLY A 200 16.59 0.59 1.67
C GLY A 200 16.53 2.07 1.43
N HIS A 201 16.39 2.87 2.48
CA HIS A 201 16.34 4.32 2.38
C HIS A 201 16.63 4.87 3.75
N ILE A 202 16.71 6.19 3.84
CA ILE A 202 16.85 6.87 5.12
C ILE A 202 15.46 7.25 5.59
N PRO A 203 14.99 6.72 6.72
CA PRO A 203 13.67 7.07 7.19
C PRO A 203 13.65 8.51 7.69
N ASN A 204 12.43 9.05 7.83
CA ASN A 204 12.24 10.38 8.40
C ASN A 204 13.07 10.56 9.66
N GLY A 205 12.95 9.63 10.60
CA GLY A 205 13.88 9.51 11.71
C GLY A 205 14.06 8.05 12.06
N ASN A 206 14.92 7.77 13.04
CA ASN A 206 15.14 6.39 13.46
C ASN A 206 14.06 5.97 14.47
N ARG A 207 12.84 5.93 13.95
CA ARG A 207 11.69 5.38 14.66
C ARG A 207 10.93 4.47 13.72
N SER A 208 10.38 3.39 14.29
CA SER A 208 9.61 2.45 13.51
C SER A 208 8.49 3.14 12.74
N TYR A 209 7.83 4.13 13.36
CA TYR A 209 6.73 4.80 12.69
C TYR A 209 7.18 5.80 11.63
N TYR A 210 8.49 5.95 11.41
CA TYR A 210 9.04 6.75 10.33
C TYR A 210 9.53 5.93 9.16
N LEU A 211 9.50 4.60 9.25
CA LEU A 211 10.14 3.77 8.23
C LEU A 211 9.43 3.89 6.89
N SER A 212 8.15 4.20 6.89
CA SER A 212 7.42 4.26 5.65
C SER A 212 7.72 5.50 4.81
N ARG A 213 8.52 6.44 5.31
CA ARG A 213 8.83 7.61 4.50
C ARG A 213 10.27 8.07 4.75
N SER A 214 10.78 8.85 3.80
CA SER A 214 12.10 9.46 3.92
C SER A 214 11.97 10.95 4.23
N GLN A 215 12.81 11.77 3.57
CA GLN A 215 12.84 13.22 3.81
C GLN A 215 13.67 13.85 2.68
N PRO A 216 13.85 15.18 2.64
CA PRO A 216 14.59 15.76 1.53
C PRO A 216 15.97 15.15 1.45
N PRO A 217 16.35 14.63 0.28
CA PRO A 217 17.49 13.70 0.24
C PRO A 217 18.83 14.41 0.17
N PHE A 218 19.39 14.72 1.34
CA PHE A 218 20.65 15.43 1.46
C PHE A 218 21.85 14.50 1.66
N PHE A 219 21.64 13.17 1.71
CA PHE A 219 22.74 12.23 1.99
C PHE A 219 23.92 12.43 1.05
N SER A 220 23.65 12.49 -0.26
CA SER A 220 24.73 12.71 -1.22
C SER A 220 25.54 13.96 -0.89
N MET A 221 24.89 14.99 -0.34
CA MET A 221 25.58 16.22 0.03
C MET A 221 26.30 16.07 1.36
N MET A 222 25.80 15.20 2.24
CA MET A 222 26.57 14.86 3.44
C MET A 222 27.88 14.19 3.05
N VAL A 223 27.81 13.17 2.19
CA VAL A 223 29.03 12.52 1.70
C VAL A 223 29.96 13.54 1.08
N GLU A 224 29.42 14.47 0.29
CA GLU A 224 30.26 15.49 -0.33
C GLU A 224 30.94 16.33 0.73
N LEU A 225 30.22 16.68 1.80
CA LEU A 225 30.83 17.44 2.89
C LEU A 225 31.92 16.64 3.58
N LEU A 226 31.60 15.41 4.00
CA LEU A 226 32.59 14.52 4.57
C LEU A 226 33.79 14.39 3.64
N ALA A 227 33.56 14.38 2.32
CA ALA A 227 34.63 14.23 1.36
C ALA A 227 35.59 15.41 1.37
N THR A 228 35.16 16.59 1.81
CA THR A 228 36.11 17.69 1.87
C THR A 228 37.17 17.49 2.94
N HIS A 229 37.13 16.38 3.67
CA HIS A 229 38.03 16.12 4.78
C HIS A 229 38.55 14.68 4.78
N ASP A 230 37.69 13.72 4.39
CA ASP A 230 38.06 12.33 4.12
C ASP A 230 37.84 12.11 2.62
N SER A 231 38.90 12.23 1.84
CA SER A 231 38.75 12.63 0.43
C SER A 231 38.11 11.57 -0.45
N ASP A 232 38.07 10.30 -0.03
CA ASP A 232 37.36 9.29 -0.82
C ASP A 232 36.04 8.86 -0.19
N ALA A 233 35.48 9.68 0.71
CA ALA A 233 34.12 9.42 1.19
C ALA A 233 33.17 9.18 0.03
N LEU A 234 33.35 9.92 -1.07
CA LEU A 234 32.45 9.78 -2.20
C LEU A 234 32.58 8.41 -2.84
N LYS A 235 33.81 7.91 -2.98
CA LYS A 235 34.00 6.54 -3.46
C LYS A 235 33.52 5.54 -2.43
N LYS A 236 33.76 5.80 -1.15
CA LYS A 236 33.39 4.84 -0.12
C LYS A 236 31.88 4.67 -0.05
N TYR A 237 31.13 5.76 -0.23
CA TYR A 237 29.70 5.72 0.01
C TYR A 237 28.89 5.71 -1.28
N ARG A 238 29.56 5.67 -2.43
CA ARG A 238 28.86 5.47 -3.69
C ARG A 238 27.87 4.31 -3.69
N PRO A 239 28.15 3.15 -3.06
CA PRO A 239 27.13 2.08 -3.06
C PRO A 239 25.84 2.48 -2.38
N GLN A 240 25.91 3.20 -1.24
CA GLN A 240 24.72 3.66 -0.54
C GLN A 240 24.07 4.85 -1.25
N MET A 241 24.85 5.67 -1.94
CA MET A 241 24.25 6.73 -2.73
C MET A 241 23.41 6.12 -3.85
N GLU A 242 23.97 5.14 -4.56
CA GLU A 242 23.24 4.44 -5.62
C GLU A 242 21.98 3.79 -5.09
N LYS A 243 22.02 3.24 -3.88
CA LYS A 243 20.84 2.56 -3.35
C LYS A 243 19.74 3.57 -3.00
N GLU A 244 20.10 4.69 -2.38
CA GLU A 244 19.07 5.70 -2.11
C GLU A 244 18.47 6.21 -3.41
N TYR A 245 19.32 6.51 -4.40
CA TYR A 245 18.82 6.95 -5.71
C TYR A 245 17.82 5.95 -6.27
N ALA A 246 18.08 4.66 -6.10
CA ALA A 246 17.14 3.64 -6.57
C ALA A 246 15.84 3.71 -5.80
N TYR A 247 15.89 4.08 -4.53
CA TYR A 247 14.67 4.23 -3.75
C TYR A 247 13.81 5.34 -4.32
N TRP A 248 14.41 6.49 -4.62
CA TRP A 248 13.64 7.60 -5.16
C TRP A 248 13.08 7.28 -6.55
N MET A 249 13.86 6.63 -7.39
CA MET A 249 13.45 6.35 -8.76
C MET A 249 12.71 5.03 -8.92
N ASP A 250 12.28 4.41 -7.82
CA ASP A 250 11.70 3.07 -7.87
C ASP A 250 10.49 3.04 -8.80
N GLY A 251 10.55 2.18 -9.81
CA GLY A 251 9.49 2.03 -10.79
C GLY A 251 9.57 2.91 -12.02
N VAL A 252 10.63 3.71 -12.19
CA VAL A 252 10.58 4.75 -13.22
C VAL A 252 10.55 4.14 -14.62
N ASP A 253 11.27 3.03 -14.82
CA ASP A 253 11.38 2.45 -16.16
C ASP A 253 10.04 1.95 -16.67
N ALA A 254 9.14 1.61 -15.76
CA ALA A 254 7.81 1.11 -16.09
C ALA A 254 6.80 2.21 -16.37
N LEU A 255 7.19 3.48 -16.29
CA LEU A 255 6.22 4.57 -16.37
C LEU A 255 6.04 5.01 -17.80
N GLN A 256 4.79 5.22 -18.17
CA GLN A 256 4.34 5.82 -19.42
C GLN A 256 4.01 7.29 -19.19
N PRO A 257 3.93 8.11 -20.24
CA PRO A 257 3.61 9.52 -20.03
C PRO A 257 2.31 9.69 -19.24
N GLY A 258 2.35 10.56 -18.23
CA GLY A 258 1.19 10.81 -17.40
C GLY A 258 1.04 9.91 -16.19
N GLN A 259 1.95 8.95 -15.98
CA GLN A 259 1.83 8.03 -14.85
C GLN A 259 2.75 8.43 -13.71
N ALA A 260 2.39 7.95 -12.52
CA ALA A 260 3.15 8.17 -11.31
C ALA A 260 3.30 6.85 -10.58
N ASN A 261 4.37 6.70 -9.80
CA ASN A 261 4.55 5.50 -8.99
C ASN A 261 5.45 5.83 -7.82
N LYS A 262 4.92 5.69 -6.61
CA LYS A 262 5.61 6.05 -5.39
C LYS A 262 6.21 7.46 -5.49
N ARG A 263 7.54 7.55 -5.61
CA ARG A 263 8.21 8.84 -5.54
C ARG A 263 8.67 9.34 -6.89
N VAL A 264 8.30 8.69 -7.98
CA VAL A 264 8.70 9.12 -9.31
C VAL A 264 7.45 9.26 -10.18
N VAL A 265 7.50 10.22 -11.08
CA VAL A 265 6.39 10.46 -12.00
C VAL A 265 6.97 10.71 -13.38
N LYS A 266 6.10 10.61 -14.39
CA LYS A 266 6.44 10.89 -15.77
C LYS A 266 5.35 11.80 -16.34
N LEU A 267 5.74 12.98 -16.81
CA LEU A 267 4.76 13.89 -17.36
C LEU A 267 4.42 13.51 -18.79
N ASP A 268 3.45 14.23 -19.36
CA ASP A 268 2.91 13.85 -20.67
C ASP A 268 3.98 13.87 -21.75
N ASP A 269 4.97 14.76 -21.65
CA ASP A 269 6.03 14.87 -22.64
C ASP A 269 7.21 13.94 -22.36
N GLY A 270 7.07 13.04 -21.38
CA GLY A 270 8.12 12.11 -21.05
C GLY A 270 9.00 12.51 -19.90
N ALA A 271 8.98 13.79 -19.51
CA ALA A 271 9.87 14.28 -18.45
C ALA A 271 9.73 13.46 -17.18
N ILE A 272 10.86 13.09 -16.59
CA ILE A 272 10.89 12.32 -15.35
C ILE A 272 11.19 13.26 -14.20
N LEU A 273 10.34 13.25 -13.17
CA LEU A 273 10.55 14.04 -11.97
C LEU A 273 10.15 13.21 -10.75
N ASN A 274 10.58 13.66 -9.58
CA ASN A 274 10.24 13.00 -8.33
C ASN A 274 9.20 13.77 -7.53
N ARG A 275 8.59 13.08 -6.56
CA ARG A 275 7.64 13.70 -5.64
C ARG A 275 7.85 13.10 -4.25
N TYR A 276 7.30 13.77 -3.24
CA TYR A 276 7.32 13.20 -1.90
C TYR A 276 6.18 12.21 -1.75
N TRP A 277 6.45 11.11 -1.02
CA TRP A 277 5.53 9.98 -0.96
C TRP A 277 5.82 9.13 0.27
N ASP A 278 4.79 8.85 1.04
CA ASP A 278 4.86 7.90 2.14
C ASP A 278 4.15 6.61 1.73
N ASP A 279 4.72 5.46 2.08
CA ASP A 279 4.14 4.18 1.67
C ASP A 279 2.87 3.80 2.42
N ARG A 280 2.60 4.42 3.57
CA ARG A 280 1.39 4.13 4.31
C ARG A 280 0.36 5.24 4.12
N ASP A 281 -0.87 4.97 4.53
CA ASP A 281 -1.97 5.94 4.38
C ASP A 281 -2.91 5.85 5.57
N THR A 282 -2.35 5.77 6.75
CA THR A 282 -2.99 5.80 8.05
C THR A 282 -2.60 7.09 8.76
N PRO A 283 -3.31 7.48 9.82
CA PRO A 283 -2.82 8.59 10.65
C PRO A 283 -1.37 8.34 11.05
N ARG A 284 -0.62 9.42 11.19
CA ARG A 284 0.75 9.29 11.68
C ARG A 284 0.66 8.85 13.13
N PRO A 285 1.29 7.73 13.52
CA PRO A 285 1.27 7.34 14.93
C PRO A 285 1.62 8.47 15.89
N GLU A 286 2.61 9.30 15.54
CA GLU A 286 3.08 10.37 16.41
C GLU A 286 2.19 11.61 16.34
N SER A 287 1.18 11.62 15.47
CA SER A 287 0.21 12.71 15.38
C SER A 287 -1.19 12.14 15.16
N TRP A 288 -1.52 11.07 15.88
CA TRP A 288 -2.64 10.23 15.48
C TRP A 288 -3.96 10.98 15.52
N LEU A 289 -4.28 11.59 16.65
CA LEU A 289 -5.58 12.23 16.78
C LEU A 289 -5.70 13.47 15.90
N ASP A 290 -4.58 14.16 15.70
CA ASP A 290 -4.57 15.30 14.79
C ASP A 290 -5.00 14.89 13.40
N ASP A 291 -4.37 13.85 12.85
CA ASP A 291 -4.69 13.43 11.49
C ASP A 291 -6.12 12.89 11.40
N VAL A 292 -6.53 12.09 12.38
CA VAL A 292 -7.91 11.60 12.41
C VAL A 292 -8.88 12.77 12.33
N ASN A 293 -8.65 13.78 13.16
CA ASN A 293 -9.53 14.96 13.13
C ASN A 293 -9.37 15.72 11.81
N THR A 294 -8.15 15.85 11.27
CA THR A 294 -8.00 16.58 10.02
C THR A 294 -8.80 15.92 8.90
N ALA A 295 -8.77 14.59 8.83
CA ALA A 295 -9.53 13.92 7.80
C ALA A 295 -11.03 14.02 8.06
N LYS A 296 -11.45 14.05 9.33
CA LYS A 296 -12.86 14.24 9.65
C LYS A 296 -13.35 15.60 9.21
N SER A 297 -12.46 16.59 9.19
CA SER A 297 -12.81 17.94 8.76
C SER A 297 -13.13 18.02 7.27
N ASN A 298 -12.83 16.98 6.49
CA ASN A 298 -13.11 16.97 5.06
C ASN A 298 -13.61 15.59 4.66
N PRO A 299 -14.84 15.24 5.02
CA PRO A 299 -15.36 13.90 4.72
C PRO A 299 -15.72 13.70 3.26
N ASN A 300 -15.54 14.70 2.41
CA ASN A 300 -15.78 14.54 0.99
C ASN A 300 -14.55 14.03 0.24
N ARG A 301 -13.50 13.65 0.96
CA ARG A 301 -12.45 12.87 0.32
C ARG A 301 -12.06 11.74 1.26
N PRO A 302 -11.68 10.59 0.70
CA PRO A 302 -11.29 9.44 1.53
C PRO A 302 -10.22 9.82 2.52
N ALA A 303 -10.40 9.40 3.78
CA ALA A 303 -9.43 9.77 4.80
C ALA A 303 -8.04 9.30 4.42
N THR A 304 -7.94 8.15 3.73
CA THR A 304 -6.64 7.59 3.39
C THR A 304 -5.84 8.53 2.49
N GLU A 305 -6.50 9.27 1.59
CA GLU A 305 -5.80 10.23 0.76
C GLU A 305 -5.27 11.38 1.59
N ILE A 306 -6.11 11.90 2.49
CA ILE A 306 -5.66 12.94 3.42
C ILE A 306 -4.48 12.46 4.24
N TYR A 307 -4.52 11.21 4.73
CA TYR A 307 -3.40 10.68 5.51
C TYR A 307 -2.14 10.58 4.68
N ARG A 308 -2.26 10.02 3.47
CA ARG A 308 -1.11 9.93 2.58
C ARG A 308 -0.48 11.31 2.36
N ASP A 309 -1.33 12.30 2.12
CA ASP A 309 -0.82 13.64 1.81
C ASP A 309 -0.23 14.32 3.05
N LEU A 310 -0.82 14.08 4.23
CA LEU A 310 -0.22 14.57 5.46
C LEU A 310 1.10 13.86 5.74
N ARG A 311 1.15 12.55 5.52
CA ARG A 311 2.41 11.83 5.72
C ARG A 311 3.47 12.30 4.74
N SER A 312 3.07 12.57 3.49
CA SER A 312 4.07 12.94 2.49
C SER A 312 4.54 14.38 2.67
N ALA A 313 3.67 15.28 3.16
CA ALA A 313 4.17 16.59 3.52
C ALA A 313 5.16 16.50 4.69
N ALA A 314 4.97 15.55 5.60
CA ALA A 314 5.99 15.37 6.62
C ALA A 314 7.29 14.88 6.01
N ALA A 315 7.21 14.05 4.97
CA ALA A 315 8.40 13.65 4.23
C ALA A 315 9.05 14.82 3.53
N SER A 316 8.26 15.78 3.04
CA SER A 316 8.80 16.94 2.36
C SER A 316 9.59 17.85 3.28
N GLY A 317 9.51 17.64 4.60
CA GLY A 317 10.11 18.54 5.57
C GLY A 317 9.30 19.80 5.82
N TRP A 318 8.33 20.11 4.97
CA TRP A 318 7.50 21.29 5.13
C TRP A 318 6.15 20.91 5.74
N ASP A 319 6.17 20.53 7.01
CA ASP A 319 4.96 20.06 7.69
C ASP A 319 4.50 21.10 8.72
N PHE A 320 3.50 21.91 8.36
CA PHE A 320 2.89 21.92 7.02
C PHE A 320 2.93 23.31 6.40
N SER A 321 2.35 23.47 5.22
CA SER A 321 2.53 24.70 4.45
C SER A 321 1.39 24.85 3.46
N SER A 322 0.96 26.10 3.27
CA SER A 322 0.01 26.40 2.21
C SER A 322 0.49 25.95 0.84
N ARG A 323 1.80 25.79 0.67
CA ARG A 323 2.42 25.23 -0.53
C ARG A 323 1.69 23.98 -0.99
N TRP A 324 1.21 23.17 -0.03
CA TRP A 324 0.59 21.87 -0.29
C TRP A 324 -0.93 21.87 -0.27
N MET A 325 -1.57 22.97 0.14
CA MET A 325 -3.00 22.97 0.49
C MET A 325 -3.81 23.72 -0.55
N ASP A 326 -4.92 23.11 -0.98
CA ASP A 326 -5.83 23.81 -1.90
C ASP A 326 -6.34 25.10 -1.28
N ASP A 327 -6.57 25.08 0.03
CA ASP A 327 -7.13 26.21 0.75
C ASP A 327 -6.23 26.37 1.96
N PRO A 328 -5.47 27.47 2.06
CA PRO A 328 -4.45 27.57 3.12
C PRO A 328 -5.03 27.59 4.51
N GLN A 329 -6.35 27.75 4.64
CA GLN A 329 -7.00 27.72 5.95
C GLN A 329 -7.44 26.33 6.37
N LYS A 330 -7.40 25.33 5.48
CA LYS A 330 -8.02 24.02 5.73
C LYS A 330 -7.04 22.89 5.43
N LEU A 331 -6.40 22.37 6.47
CA LEU A 331 -5.43 21.31 6.29
C LEU A 331 -6.04 20.05 5.65
N GLY A 332 -7.35 19.84 5.82
CA GLY A 332 -8.04 18.78 5.09
C GLY A 332 -7.98 18.89 3.57
N THR A 333 -7.50 20.00 3.02
CA THR A 333 -7.33 20.16 1.59
C THR A 333 -5.88 19.96 1.13
N ILE A 334 -5.04 19.34 1.96
CA ILE A 334 -3.65 19.14 1.58
C ILE A 334 -3.54 18.04 0.52
N ARG A 335 -2.70 18.25 -0.49
CA ARG A 335 -2.56 17.24 -1.55
C ARG A 335 -1.11 17.14 -2.02
N THR A 336 -0.21 16.89 -1.07
CA THR A 336 1.23 16.82 -1.34
C THR A 336 1.56 15.88 -2.51
N THR A 337 0.95 14.69 -2.55
CA THR A 337 1.35 13.72 -3.55
C THR A 337 0.89 14.06 -4.96
N SER A 338 0.13 15.13 -5.15
CA SER A 338 -0.23 15.57 -6.49
C SER A 338 0.58 16.79 -6.93
N ILE A 339 1.70 17.06 -6.26
CA ILE A 339 2.51 18.26 -6.46
C ILE A 339 3.97 17.84 -6.64
N VAL A 340 4.54 18.15 -7.81
CA VAL A 340 5.95 17.86 -8.07
C VAL A 340 6.82 18.97 -7.48
N PRO A 341 7.59 18.69 -6.43
CA PRO A 341 8.27 19.78 -5.70
C PRO A 341 9.57 20.21 -6.38
N VAL A 342 9.77 21.52 -6.48
CA VAL A 342 10.96 22.04 -7.17
C VAL A 342 12.20 21.89 -6.29
N ASP A 343 12.07 22.04 -4.96
CA ASP A 343 13.24 21.79 -4.13
C ASP A 343 13.66 20.31 -4.21
N LEU A 344 12.71 19.39 -4.10
CA LEU A 344 13.08 17.97 -4.20
C LEU A 344 13.81 17.68 -5.50
N ASN A 345 13.30 18.19 -6.61
CA ASN A 345 13.93 17.84 -7.88
C ASN A 345 15.25 18.58 -8.12
N ALA A 346 15.45 19.72 -7.46
CA ALA A 346 16.81 20.28 -7.42
C ALA A 346 17.75 19.34 -6.67
N LEU A 347 17.29 18.79 -5.55
CA LEU A 347 18.13 17.88 -4.79
C LEU A 347 18.46 16.62 -5.60
N MET A 348 17.49 16.13 -6.37
CA MET A 348 17.73 14.96 -7.21
C MET A 348 18.77 15.26 -8.28
N PHE A 349 18.72 16.46 -8.88
CA PHE A 349 19.74 16.85 -9.84
C PHE A 349 21.11 16.81 -9.20
N LYS A 350 21.22 17.38 -8.00
CA LYS A 350 22.47 17.34 -7.28
C LYS A 350 22.90 15.90 -7.03
N MET A 351 21.95 15.05 -6.62
CA MET A 351 22.28 13.65 -6.34
C MET A 351 22.83 12.98 -7.58
N GLU A 352 22.27 13.30 -8.75
CA GLU A 352 22.71 12.66 -9.97
C GLU A 352 24.10 13.15 -10.38
N LYS A 353 24.37 14.43 -10.14
CA LYS A 353 25.69 14.97 -10.47
C LYS A 353 26.75 14.39 -9.54
N LEU A 354 26.42 14.24 -8.26
CA LEU A 354 27.36 13.62 -7.35
C LEU A 354 27.54 12.14 -7.63
N LEU A 355 26.49 11.48 -8.12
CA LEU A 355 26.63 10.08 -8.52
C LEU A 355 27.56 9.95 -9.73
N ALA A 356 27.41 10.83 -10.71
CA ALA A 356 28.32 10.84 -11.86
C ALA A 356 29.76 11.05 -11.40
N ARG A 357 29.99 12.08 -10.56
CA ARG A 357 31.32 12.35 -10.04
C ARG A 357 31.88 11.17 -9.25
N ALA A 358 31.07 10.61 -8.33
CA ALA A 358 31.51 9.46 -7.55
C ALA A 358 31.86 8.27 -8.44
N SER A 359 31.24 8.18 -9.61
CA SER A 359 31.54 7.11 -10.54
C SER A 359 32.82 7.42 -11.31
N GLN A 360 32.95 8.65 -11.81
CA GLN A 360 34.15 9.05 -12.52
C GLN A 360 35.39 8.92 -11.63
N GLU A 361 35.24 9.08 -10.32
CA GLU A 361 36.37 8.93 -9.42
C GLU A 361 36.74 7.47 -9.18
N SER A 362 35.80 6.55 -9.34
CA SER A 362 36.06 5.13 -9.19
C SER A 362 36.54 4.50 -10.48
N GLY A 363 36.70 5.28 -11.55
CA GLY A 363 37.14 4.74 -12.82
C GLY A 363 36.06 4.08 -13.63
N ASP A 364 34.81 4.11 -13.17
CA ASP A 364 33.67 3.48 -13.85
C ASP A 364 33.12 4.47 -14.86
N ALA A 365 33.57 4.34 -16.12
CA ALA A 365 33.15 5.30 -17.14
C ALA A 365 31.69 5.09 -17.54
N ALA A 366 31.23 3.84 -17.60
CA ALA A 366 29.85 3.61 -18.04
C ALA A 366 28.86 4.17 -17.03
N SER A 367 29.14 4.00 -15.74
CA SER A 367 28.24 4.49 -14.71
C SER A 367 28.27 6.02 -14.65
N ALA A 368 29.46 6.61 -14.62
CA ALA A 368 29.58 8.07 -14.67
C ALA A 368 28.82 8.65 -15.85
N SER A 369 29.01 8.05 -17.01
CA SER A 369 28.33 8.52 -18.20
C SER A 369 26.81 8.38 -18.07
N LYS A 370 26.33 7.38 -17.34
CA LYS A 370 24.89 7.21 -17.21
C LYS A 370 24.28 8.25 -16.28
N TYR A 371 24.93 8.54 -15.16
CA TYR A 371 24.40 9.55 -14.27
C TYR A 371 24.53 10.94 -14.85
N GLU A 372 25.59 11.19 -15.64
CA GLU A 372 25.72 12.48 -16.30
C GLU A 372 24.55 12.74 -17.25
N ALA A 373 24.09 11.71 -17.98
CA ALA A 373 22.93 11.90 -18.84
C ALA A 373 21.67 12.09 -18.01
N LEU A 374 21.53 11.33 -16.92
CA LEU A 374 20.38 11.48 -16.03
C LEU A 374 20.32 12.89 -15.46
N ALA A 375 21.48 13.42 -15.03
CA ALA A 375 21.49 14.77 -14.51
C ALA A 375 21.15 15.79 -15.60
N THR A 376 21.55 15.53 -16.84
CA THR A 376 21.21 16.43 -17.93
C THR A 376 19.70 16.45 -18.15
N ALA A 377 19.09 15.26 -18.23
CA ALA A 377 17.64 15.19 -18.38
C ALA A 377 16.94 15.88 -17.23
N ARG A 378 17.47 15.70 -16.01
CA ARG A 378 16.87 16.34 -14.85
C ARG A 378 16.95 17.85 -14.94
N GLN A 379 18.11 18.40 -15.35
CA GLN A 379 18.20 19.83 -15.50
C GLN A 379 17.23 20.31 -16.57
N LYS A 380 17.09 19.53 -17.64
CA LYS A 380 16.18 19.93 -18.71
C LYS A 380 14.74 19.91 -18.22
N ALA A 381 14.38 18.92 -17.41
CA ALA A 381 13.01 18.83 -16.92
C ALA A 381 12.71 19.94 -15.91
N ILE A 382 13.67 20.27 -15.03
CA ILE A 382 13.47 21.41 -14.13
C ILE A 382 13.19 22.68 -14.92
N GLU A 383 13.96 22.90 -15.99
CA GLU A 383 13.83 24.15 -16.72
C GLU A 383 12.57 24.23 -17.56
N SER A 384 12.00 23.09 -17.97
CA SER A 384 10.82 23.12 -18.83
C SER A 384 9.52 22.85 -18.10
N HIS A 385 9.55 22.48 -16.83
CA HIS A 385 8.33 22.19 -16.10
C HIS A 385 8.24 22.84 -14.73
N LEU A 386 9.36 23.26 -14.13
CA LEU A 386 9.34 23.85 -12.80
C LEU A 386 9.68 25.33 -12.82
N TRP A 387 9.58 25.97 -13.99
CA TRP A 387 9.85 27.40 -14.15
C TRP A 387 8.55 28.11 -14.51
N ASN A 388 8.15 29.05 -13.66
CA ASN A 388 6.97 29.86 -13.92
C ASN A 388 7.40 31.11 -14.67
N ASP A 389 7.12 31.15 -15.97
CA ASP A 389 7.63 32.24 -16.79
C ASP A 389 6.89 33.53 -16.52
N LYS A 390 5.57 33.46 -16.37
CA LYS A 390 4.75 34.64 -16.12
C LYS A 390 5.20 35.37 -14.86
N GLU A 391 5.49 34.64 -13.78
CA GLU A 391 5.88 35.26 -12.53
C GLU A 391 7.36 35.53 -12.42
N GLY A 392 8.19 34.79 -13.15
CA GLY A 392 9.64 34.93 -13.06
C GLY A 392 10.30 34.22 -11.89
N TRP A 393 9.86 32.99 -11.57
CA TRP A 393 10.55 32.22 -10.52
C TRP A 393 10.28 30.73 -10.67
N TYR A 394 11.10 29.95 -9.96
CA TYR A 394 10.89 28.51 -9.92
C TYR A 394 9.71 28.20 -9.00
N ALA A 395 9.01 27.10 -9.30
CA ALA A 395 7.80 26.77 -8.56
C ALA A 395 7.43 25.32 -8.84
N ASP A 396 6.62 24.76 -7.94
CA ASP A 396 6.18 23.37 -8.04
C ASP A 396 5.30 23.18 -9.27
N TYR A 397 5.16 21.92 -9.69
CA TYR A 397 4.30 21.53 -10.80
C TYR A 397 3.08 20.77 -10.28
N ASP A 398 1.92 21.09 -10.83
CA ASP A 398 0.64 20.54 -10.38
C ASP A 398 0.27 19.34 -11.24
N LEU A 399 0.17 18.16 -10.62
CA LEU A 399 -0.21 16.98 -11.39
C LEU A 399 -1.68 17.01 -11.78
N LYS A 400 -2.53 17.63 -10.97
CA LYS A 400 -3.95 17.68 -11.29
C LYS A 400 -4.20 18.58 -12.48
N SER A 401 -3.64 19.78 -12.47
CA SER A 401 -3.85 20.69 -13.60
C SER A 401 -2.80 20.57 -14.71
N LYS A 402 -1.67 19.90 -14.46
CA LYS A 402 -0.62 19.75 -15.48
C LYS A 402 -0.06 21.11 -15.93
N LYS A 403 0.09 22.02 -14.98
CA LYS A 403 0.73 23.31 -15.18
C LYS A 403 1.71 23.55 -14.04
N VAL A 404 2.65 24.46 -14.25
CA VAL A 404 3.49 24.91 -13.16
C VAL A 404 2.69 25.89 -12.32
N ARG A 405 2.86 25.83 -11.00
CA ARG A 405 2.07 26.62 -10.07
C ARG A 405 2.58 28.06 -9.99
N ASN A 406 1.73 28.94 -9.46
CA ASN A 406 2.07 30.35 -9.34
C ASN A 406 2.77 30.69 -8.03
N GLN A 407 2.43 29.98 -6.94
CA GLN A 407 2.88 30.40 -5.63
C GLN A 407 4.41 30.47 -5.53
N LEU A 408 4.90 31.61 -5.07
CA LEU A 408 6.30 31.76 -4.70
C LEU A 408 6.53 31.23 -3.29
N THR A 409 7.47 30.31 -3.15
CA THR A 409 7.95 29.90 -1.84
C THR A 409 9.47 29.99 -1.86
N ALA A 410 10.07 29.87 -0.66
CA ALA A 410 11.53 29.83 -0.60
C ALA A 410 12.12 28.62 -1.33
N ALA A 411 11.31 27.62 -1.70
CA ALA A 411 11.82 26.50 -2.49
C ALA A 411 12.32 26.97 -3.85
N ALA A 412 11.85 28.13 -4.29
CA ALA A 412 12.28 28.68 -5.57
C ALA A 412 13.79 28.89 -5.64
N LEU A 413 14.46 29.05 -4.50
CA LEU A 413 15.90 29.25 -4.49
C LEU A 413 16.67 27.96 -4.75
N PHE A 414 16.02 26.80 -4.65
CA PHE A 414 16.75 25.53 -4.72
C PHE A 414 17.43 25.26 -6.04
N PRO A 415 16.87 25.63 -7.21
CA PRO A 415 17.63 25.42 -8.45
C PRO A 415 18.87 26.28 -8.55
N LEU A 416 18.92 27.44 -7.86
CA LEU A 416 20.15 28.22 -7.80
C LEU A 416 21.17 27.56 -6.88
N TYR A 417 20.68 27.07 -5.74
CA TYR A 417 21.47 26.34 -4.79
C TYR A 417 22.25 25.19 -5.42
N VAL A 418 21.63 24.42 -6.31
CA VAL A 418 22.29 23.27 -6.90
C VAL A 418 22.85 23.58 -8.27
N LYS A 419 22.78 24.84 -8.70
CA LYS A 419 23.38 25.31 -9.95
C LYS A 419 22.75 24.63 -11.16
N ALA A 420 21.43 24.42 -11.10
CA ALA A 420 20.67 23.98 -12.27
C ALA A 420 20.06 25.13 -13.04
N ALA A 421 19.94 26.31 -12.45
CA ALA A 421 19.28 27.42 -13.11
C ALA A 421 20.18 28.07 -14.15
N ALA A 422 19.56 28.53 -15.24
CA ALA A 422 20.23 29.47 -16.13
C ALA A 422 20.34 30.85 -15.49
N GLN A 423 21.39 31.58 -15.86
CA GLN A 423 21.72 32.86 -15.22
C GLN A 423 20.55 33.83 -15.22
N ASP A 424 19.82 33.93 -16.34
CA ASP A 424 18.74 34.91 -16.40
C ASP A 424 17.61 34.55 -15.44
N ARG A 425 17.34 33.25 -15.24
CA ARG A 425 16.34 32.86 -14.27
C ARG A 425 16.83 33.04 -12.84
N ALA A 426 18.12 32.80 -12.59
CA ALA A 426 18.68 33.09 -11.29
C ALA A 426 18.54 34.56 -10.94
N ASP A 427 18.85 35.45 -11.90
CA ASP A 427 18.67 36.88 -11.66
C ASP A 427 17.20 37.22 -11.41
N LYS A 428 16.29 36.57 -12.12
CA LYS A 428 14.88 36.84 -11.87
C LYS A 428 14.45 36.36 -10.48
N VAL A 429 14.94 35.19 -10.05
CA VAL A 429 14.62 34.72 -8.71
C VAL A 429 15.16 35.67 -7.64
N ALA A 430 16.34 36.25 -7.90
CA ALA A 430 16.90 37.20 -6.95
C ALA A 430 16.07 38.47 -6.88
N ALA A 431 15.52 38.91 -8.01
CA ALA A 431 14.67 40.09 -7.97
C ALA A 431 13.38 39.77 -7.21
N ALA A 432 12.78 38.62 -7.47
CA ALA A 432 11.63 38.19 -6.69
C ALA A 432 11.98 38.00 -5.21
N THR A 433 13.23 37.62 -4.90
CA THR A 433 13.60 37.35 -3.51
C THR A 433 13.68 38.63 -2.69
N SER A 434 14.37 39.65 -3.21
CA SER A 434 14.45 40.87 -2.42
C SER A 434 13.13 41.64 -2.45
N SER A 435 12.42 41.57 -3.56
CA SER A 435 11.15 42.27 -3.69
C SER A 435 10.09 41.68 -2.75
N ARG A 436 10.05 40.36 -2.59
CA ARG A 436 8.89 39.71 -1.97
C ARG A 436 9.21 38.84 -0.77
N LEU A 437 10.36 38.17 -0.74
CA LEU A 437 10.60 37.22 0.33
C LEU A 437 11.54 37.75 1.38
N LEU A 438 12.36 38.75 1.05
CA LEU A 438 13.34 39.27 1.99
C LEU A 438 12.63 40.21 2.97
N LYS A 439 12.63 39.84 4.24
CA LYS A 439 11.94 40.53 5.30
C LYS A 439 13.00 40.98 6.29
N PRO A 440 12.67 41.82 7.30
CA PRO A 440 13.74 42.38 8.16
C PRO A 440 14.55 41.34 8.91
N GLY A 441 13.98 40.16 9.18
CA GLY A 441 14.65 39.13 9.95
C GLY A 441 15.18 37.97 9.16
N GLY A 442 15.21 38.04 7.84
CA GLY A 442 15.68 36.94 7.02
C GLY A 442 14.68 36.66 5.93
N ILE A 443 14.89 35.56 5.21
CA ILE A 443 14.06 35.28 4.05
C ILE A 443 12.82 34.50 4.48
N ALA A 444 11.67 34.94 4.01
CA ALA A 444 10.41 34.35 4.42
C ALA A 444 10.21 33.01 3.72
N THR A 445 9.45 32.13 4.37
CA THR A 445 9.22 30.80 3.78
C THR A 445 8.22 30.87 2.63
N THR A 446 7.11 31.56 2.82
CA THR A 446 6.17 31.87 1.76
C THR A 446 5.70 33.30 1.95
N THR A 447 4.78 33.74 1.09
CA THR A 447 4.08 35.01 1.27
C THR A 447 2.65 34.83 1.79
N VAL A 448 2.30 33.64 2.30
CA VAL A 448 0.96 33.36 2.81
C VAL A 448 1.07 33.13 4.32
N ASN A 449 0.38 33.96 5.10
CA ASN A 449 0.38 33.78 6.55
C ASN A 449 -0.82 32.92 6.89
N SER A 450 -0.61 31.60 6.90
CA SER A 450 -1.69 30.64 7.04
C SER A 450 -1.93 30.15 8.47
N GLY A 451 -1.00 30.38 9.39
CA GLY A 451 -0.99 29.68 10.65
C GLY A 451 -0.16 28.42 10.65
N GLN A 452 0.12 27.83 9.49
CA GLN A 452 1.02 26.68 9.42
C GLN A 452 2.46 27.15 9.62
N GLN A 453 3.33 26.20 9.96
CA GLN A 453 4.67 26.61 10.36
C GLN A 453 5.61 26.82 9.18
N TRP A 454 5.40 26.14 8.06
CA TRP A 454 6.25 26.39 6.90
C TRP A 454 5.56 27.41 5.98
N ASP A 455 5.46 28.63 6.49
CA ASP A 455 4.69 29.71 5.88
C ASP A 455 5.10 31.02 6.53
N ALA A 456 4.72 32.13 5.89
CA ALA A 456 4.91 33.42 6.52
C ALA A 456 4.22 33.41 7.89
N PRO A 457 4.77 34.10 8.91
CA PRO A 457 5.98 34.93 8.94
C PRO A 457 7.26 34.22 9.42
N ASN A 458 7.31 32.91 9.33
CA ASN A 458 8.45 32.14 9.83
C ASN A 458 9.60 32.09 8.84
N GLY A 459 10.81 32.20 9.37
CA GLY A 459 12.02 31.90 8.62
C GLY A 459 12.64 30.66 9.22
N TRP A 460 13.22 29.83 8.35
CA TRP A 460 13.82 28.58 8.77
C TRP A 460 15.28 28.59 8.37
N ALA A 461 16.15 28.24 9.32
CA ALA A 461 17.59 28.23 9.06
C ALA A 461 17.97 27.54 7.74
N PRO A 462 17.48 26.33 7.43
CA PRO A 462 17.94 25.68 6.19
C PRO A 462 17.62 26.49 4.96
N LEU A 463 16.48 27.19 4.95
CA LEU A 463 16.10 28.03 3.81
C LEU A 463 16.91 29.31 3.76
N GLN A 464 17.35 29.83 4.91
CA GLN A 464 18.25 30.98 4.88
C GLN A 464 19.53 30.61 4.16
N TRP A 465 20.10 29.48 4.53
CA TRP A 465 21.34 29.00 3.96
C TRP A 465 21.18 28.69 2.48
N VAL A 466 20.11 27.98 2.12
CA VAL A 466 19.88 27.66 0.71
C VAL A 466 19.73 28.95 -0.11
N ALA A 467 19.10 29.97 0.47
CA ALA A 467 18.97 31.23 -0.24
C ALA A 467 20.32 31.93 -0.38
N ALA A 468 21.05 32.09 0.73
CA ALA A 468 22.34 32.78 0.66
C ALA A 468 23.30 32.07 -0.31
N GLU A 469 23.33 30.74 -0.28
CA GLU A 469 24.27 30.03 -1.14
C GLU A 469 23.86 30.09 -2.60
N GLY A 470 22.59 29.80 -2.90
CA GLY A 470 22.12 29.85 -4.27
C GLY A 470 22.30 31.21 -4.91
N LEU A 471 22.01 32.29 -4.16
CA LEU A 471 22.22 33.64 -4.70
C LEU A 471 23.68 33.92 -4.96
N GLN A 472 24.55 33.54 -4.02
CA GLN A 472 26.00 33.65 -4.20
C GLN A 472 26.46 32.90 -5.44
N ASN A 473 25.97 31.67 -5.63
CA ASN A 473 26.31 30.87 -6.80
C ASN A 473 26.19 31.64 -8.10
N TYR A 474 25.32 32.65 -8.16
CA TYR A 474 25.06 33.34 -9.42
C TYR A 474 25.47 34.81 -9.38
N GLY A 475 26.32 35.21 -8.45
CA GLY A 475 26.79 36.58 -8.37
C GLY A 475 25.86 37.58 -7.72
N GLN A 476 24.74 37.12 -7.14
CA GLN A 476 23.84 38.03 -6.45
C GLN A 476 24.31 38.22 -5.01
N GLU A 477 25.51 38.78 -4.89
CA GLU A 477 26.16 38.89 -3.59
C GLU A 477 25.40 39.82 -2.67
N LYS A 478 24.85 40.91 -3.21
CA LYS A 478 24.15 41.87 -2.37
C LYS A 478 22.93 41.25 -1.71
N VAL A 479 22.08 40.57 -2.49
CA VAL A 479 20.93 39.90 -1.90
C VAL A 479 21.39 38.79 -0.98
N SER A 480 22.38 38.00 -1.42
CA SER A 480 22.91 36.92 -0.59
C SER A 480 23.31 37.43 0.78
N MET A 481 24.14 38.49 0.81
CA MET A 481 24.55 39.10 2.06
C MET A 481 23.38 39.69 2.85
N ASP A 482 22.36 40.22 2.16
CA ASP A 482 21.19 40.74 2.86
C ASP A 482 20.44 39.63 3.62
N VAL A 483 20.23 38.48 2.95
CA VAL A 483 19.64 37.32 3.62
C VAL A 483 20.48 36.94 4.83
N THR A 484 21.78 36.83 4.63
CA THR A 484 22.69 36.41 5.68
C THR A 484 22.66 37.38 6.85
N TRP A 485 22.81 38.67 6.57
CA TRP A 485 22.89 39.64 7.66
C TRP A 485 21.60 39.69 8.45
N ARG A 486 20.47 39.66 7.77
CA ARG A 486 19.21 39.81 8.48
C ARG A 486 18.91 38.57 9.34
N PHE A 487 19.17 37.37 8.83
CA PHE A 487 18.94 36.19 9.66
C PHE A 487 19.92 36.17 10.84
N LEU A 488 21.18 36.55 10.60
CA LEU A 488 22.14 36.61 11.70
C LEU A 488 21.69 37.61 12.76
N LYS A 489 21.21 38.78 12.33
CA LYS A 489 20.70 39.74 13.30
C LYS A 489 19.51 39.16 14.05
N ASN A 490 18.65 38.40 13.36
CA ASN A 490 17.51 37.79 14.04
C ASN A 490 17.97 36.77 15.08
N VAL A 491 18.96 35.93 14.73
CA VAL A 491 19.44 34.90 15.65
C VAL A 491 20.15 35.53 16.84
N GLN A 492 21.02 36.52 16.60
CA GLN A 492 21.73 37.19 17.68
C GLN A 492 20.78 37.93 18.60
N HIS A 493 19.86 38.71 18.02
CA HIS A 493 18.94 39.48 18.83
C HIS A 493 18.06 38.58 19.68
N THR A 494 17.64 37.44 19.12
CA THR A 494 16.87 36.48 19.91
C THR A 494 17.75 35.85 20.98
N TYR A 495 19.01 35.58 20.67
CA TYR A 495 19.93 35.09 21.69
C TYR A 495 20.16 36.13 22.77
N ASP A 496 20.23 37.41 22.40
CA ASP A 496 20.43 38.43 23.42
C ASP A 496 19.29 38.43 24.43
N ARG A 497 18.06 38.26 23.97
CA ARG A 497 16.90 38.34 24.86
C ARG A 497 16.50 37.00 25.46
N GLU A 498 16.66 35.88 24.75
CA GLU A 498 16.24 34.59 25.29
C GLU A 498 17.38 33.69 25.72
N LYS A 499 18.63 34.07 25.48
CA LYS A 499 19.81 33.25 25.80
C LYS A 499 19.72 31.86 25.16
N LYS A 500 19.08 31.75 24.00
CA LYS A 500 19.03 30.47 23.32
C LYS A 500 18.82 30.66 21.82
N LEU A 501 18.96 29.56 21.09
CA LEU A 501 18.52 29.47 19.71
C LEU A 501 17.35 28.51 19.65
N VAL A 502 16.49 28.69 18.66
CA VAL A 502 15.24 27.97 18.55
C VAL A 502 15.15 27.38 17.15
N GLU A 503 14.04 26.67 16.90
CA GLU A 503 13.91 25.91 15.65
C GLU A 503 13.50 26.77 14.46
N LYS A 504 12.85 27.91 14.69
CA LYS A 504 12.42 28.80 13.62
C LYS A 504 12.31 30.19 14.20
N TYR A 505 12.27 31.18 13.31
CA TYR A 505 12.27 32.58 13.71
C TYR A 505 11.18 33.34 12.96
N ASP A 506 10.53 34.26 13.65
CA ASP A 506 9.62 35.20 12.99
C ASP A 506 10.45 36.25 12.24
N VAL A 507 10.32 36.30 10.91
CA VAL A 507 11.20 37.21 10.14
C VAL A 507 10.61 38.60 9.94
N SER A 508 9.41 38.89 10.48
CA SER A 508 8.89 40.25 10.33
C SER A 508 9.69 41.28 11.13
N THR A 509 10.38 40.87 12.19
CA THR A 509 11.27 41.78 12.93
C THR A 509 12.57 41.00 13.17
N THR A 510 13.37 41.47 14.13
CA THR A 510 14.37 40.60 14.74
C THR A 510 14.07 40.43 16.22
N GLY A 511 14.49 39.31 16.79
CA GLY A 511 14.50 39.13 18.23
C GLY A 511 13.55 38.07 18.79
N THR A 512 12.58 37.60 18.00
CA THR A 512 11.61 36.62 18.46
C THR A 512 11.64 35.37 17.57
N GLY A 513 11.51 34.20 18.20
CA GLY A 513 11.39 32.96 17.47
C GLY A 513 9.94 32.59 17.25
N GLY A 514 9.51 31.46 17.83
CA GLY A 514 8.11 31.03 17.80
C GLY A 514 7.25 31.55 18.95
N GLY A 517 5.25 28.04 21.26
CA GLY A 517 5.37 26.77 20.58
C GLY A 517 6.79 26.39 20.15
N GLU A 518 7.73 27.29 20.39
CA GLU A 518 9.12 27.10 20.01
C GLU A 518 9.83 26.21 21.03
N TYR A 519 11.10 25.95 20.78
CA TYR A 519 11.87 25.00 21.58
C TYR A 519 12.09 25.53 23.01
N PRO A 520 11.61 24.82 24.04
CA PRO A 520 11.53 25.42 25.39
C PRO A 520 12.81 25.39 26.22
N LEU A 521 13.79 24.55 25.90
CA LEU A 521 15.01 24.51 26.67
C LEU A 521 16.01 25.52 26.12
N GLN A 522 17.16 25.66 26.81
CA GLN A 522 18.23 26.54 26.37
C GLN A 522 19.36 25.81 25.66
N ASP A 523 19.22 24.51 25.42
CA ASP A 523 20.24 23.70 24.75
C ASP A 523 19.96 23.59 23.25
N GLY A 524 19.87 24.75 22.58
CA GLY A 524 18.93 24.96 21.51
C GLY A 524 19.44 24.79 20.08
N PHE A 525 18.76 23.90 19.38
CA PHE A 525 18.52 23.64 17.96
C PHE A 525 19.57 23.67 16.86
N GLY A 526 19.81 22.43 16.41
CA GLY A 526 20.66 21.99 15.34
C GLY A 526 20.84 22.91 14.16
N TRP A 527 19.86 22.96 13.25
CA TRP A 527 20.16 23.63 11.99
C TRP A 527 20.30 25.13 12.15
N SER A 528 19.68 25.72 13.18
CA SER A 528 19.92 27.13 13.46
C SER A 528 21.35 27.36 13.92
N ASN A 529 21.84 26.50 14.81
CA ASN A 529 23.22 26.58 15.27
C ASN A 529 24.17 26.40 14.10
N GLY A 530 23.91 25.39 13.28
CA GLY A 530 24.82 25.09 12.20
C GLY A 530 24.88 26.21 11.18
N VAL A 531 23.71 26.69 10.75
CA VAL A 531 23.69 27.74 9.73
C VAL A 531 24.30 29.01 10.32
N THR A 532 24.07 29.26 11.62
CA THR A 532 24.59 30.48 12.24
C THR A 532 26.10 30.49 12.26
N LEU A 533 26.73 29.36 12.57
CA LEU A 533 28.19 29.28 12.49
C LEU A 533 28.67 29.60 11.08
N LYS A 534 28.07 28.97 10.07
CA LYS A 534 28.54 29.16 8.69
C LYS A 534 28.42 30.62 8.26
N MET A 535 27.27 31.23 8.56
CA MET A 535 27.07 32.62 8.20
C MET A 535 27.93 33.54 9.05
N LEU A 536 28.08 33.24 10.35
CA LEU A 536 28.89 34.10 11.21
C LEU A 536 30.34 34.14 10.73
N ASP A 537 30.87 33.01 10.25
CA ASP A 537 32.19 33.02 9.65
C ASP A 537 32.28 33.99 8.48
N ARG A 538 31.18 34.13 7.73
CA ARG A 538 31.19 34.88 6.48
C ARG A 538 31.14 36.39 6.67
N VAL A 539 30.65 36.90 7.80
CA VAL A 539 30.50 38.34 7.94
C VAL A 539 31.64 38.97 8.70
N CYS A 540 32.70 38.20 8.98
CA CYS A 540 33.91 38.70 9.61
C CYS A 540 35.10 38.07 8.91
N PRO A 541 36.28 38.67 9.03
CA PRO A 541 37.44 38.12 8.31
C PRO A 541 37.83 36.78 8.90
N LYS A 542 38.33 35.89 8.04
CA LYS A 542 38.93 34.66 8.54
C LYS A 542 40.01 34.98 9.56
N ALA A 543 40.79 36.03 9.31
CA ALA A 543 41.90 36.36 10.18
C ALA A 543 41.44 36.68 11.60
N LYS A 544 40.36 37.44 11.75
CA LYS A 544 39.79 37.76 13.06
C LYS A 544 38.29 37.44 13.05
N PRO A 545 37.92 36.18 13.29
CA PRO A 545 36.50 35.83 13.36
C PRO A 545 35.82 36.52 14.52
N CYS A 546 34.50 36.62 14.40
CA CYS A 546 33.66 37.18 15.45
C CYS A 546 32.99 36.05 16.22
N ASP A 547 32.76 36.29 17.51
CA ASP A 547 31.94 35.39 18.31
C ASP A 547 30.52 35.90 18.49
N SER A 548 30.25 37.14 18.10
CA SER A 548 28.92 37.73 18.08
C SER A 548 28.66 38.34 16.72
N VAL A 549 27.38 38.55 16.42
CA VAL A 549 27.06 39.25 15.18
C VAL A 549 27.45 40.72 15.33
N PRO A 550 28.24 41.29 14.44
CA PRO A 550 28.65 42.69 14.59
C PRO A 550 27.46 43.62 14.41
N GLU A 551 27.63 44.84 14.93
CA GLU A 551 26.53 45.80 14.97
C GLU A 551 26.08 46.22 13.57
N ASN A 552 27.02 46.46 12.66
CA ASN A 552 26.71 47.03 11.36
C ASN A 552 27.18 46.09 10.26
N GLN A 553 26.31 45.88 9.27
CA GLN A 553 26.72 45.24 8.04
C GLN A 553 27.56 46.21 7.23
N PRO A 554 28.67 45.76 6.60
CA PRO A 554 29.52 46.62 5.79
C PRO A 554 28.99 46.83 4.37
N GLN B 43 9.04 -12.15 -12.25
CA GLN B 43 8.32 -12.76 -11.13
C GLN B 43 7.10 -11.89 -10.72
N THR B 44 7.29 -10.90 -9.84
CA THR B 44 6.15 -10.18 -9.25
C THR B 44 5.85 -8.84 -9.95
N THR B 45 6.32 -8.62 -11.17
CA THR B 45 5.92 -7.46 -11.95
C THR B 45 5.05 -7.92 -13.12
N SER B 46 3.79 -7.50 -13.12
CA SER B 46 2.86 -7.94 -14.15
C SER B 46 3.38 -7.51 -15.52
N PRO B 47 2.98 -8.21 -16.59
CA PRO B 47 3.53 -7.88 -17.91
C PRO B 47 3.10 -6.52 -18.42
N ASP B 48 1.91 -6.03 -18.06
CA ASP B 48 1.46 -4.72 -18.51
C ASP B 48 2.35 -3.61 -17.96
N ILE B 49 2.77 -3.74 -16.70
CA ILE B 49 3.80 -2.86 -16.17
C ILE B 49 5.10 -3.09 -16.90
N LEU B 50 5.42 -4.36 -17.18
CA LEU B 50 6.73 -4.73 -17.68
C LEU B 50 6.96 -4.24 -19.10
N LEU B 51 5.94 -4.25 -19.94
CA LEU B 51 6.09 -4.00 -21.37
C LEU B 51 5.46 -2.70 -21.83
N GLY B 52 4.93 -1.88 -20.91
CA GLY B 52 4.45 -0.55 -21.21
C GLY B 52 3.58 -0.45 -22.45
N PRO B 53 3.88 0.52 -23.31
CA PRO B 53 3.05 0.72 -24.52
C PRO B 53 3.03 -0.47 -25.46
N LEU B 54 4.00 -1.38 -25.37
CA LEU B 54 3.94 -2.55 -26.22
C LEU B 54 2.80 -3.46 -25.78
N PHE B 55 2.63 -3.65 -24.46
CA PHE B 55 1.47 -4.39 -23.98
C PHE B 55 0.18 -3.71 -24.43
N ASN B 56 0.06 -2.40 -24.17
CA ASN B 56 -1.10 -1.65 -24.65
C ASN B 56 -1.36 -1.93 -26.13
N ASP B 57 -0.29 -2.00 -26.93
CA ASP B 57 -0.47 -2.02 -28.38
C ASP B 57 -0.72 -3.42 -28.94
N VAL B 58 -0.05 -4.44 -28.38
CA VAL B 58 -0.36 -5.82 -28.80
C VAL B 58 -1.81 -6.14 -28.47
N GLN B 59 -2.32 -5.64 -27.34
CA GLN B 59 -3.67 -6.00 -26.92
C GLN B 59 -4.71 -5.25 -27.73
N SER B 60 -4.49 -3.95 -27.93
CA SER B 60 -5.44 -3.16 -28.71
C SER B 60 -5.48 -3.57 -30.17
N ALA B 61 -4.45 -4.30 -30.64
CA ALA B 61 -4.44 -4.82 -32.01
C ALA B 61 -5.13 -6.18 -32.16
N LYS B 62 -5.38 -6.89 -31.05
CA LYS B 62 -6.04 -8.21 -31.08
C LYS B 62 -5.26 -9.18 -31.96
N LEU B 63 -3.92 -9.14 -31.85
CA LEU B 63 -3.09 -10.05 -32.62
C LEU B 63 -3.47 -11.50 -32.35
N PHE B 64 -3.62 -11.86 -31.06
CA PHE B 64 -4.09 -13.20 -30.72
C PHE B 64 -5.57 -13.16 -30.40
N PRO B 65 -6.28 -14.29 -30.58
CA PRO B 65 -7.72 -14.29 -30.26
C PRO B 65 -7.98 -14.02 -28.79
N ASP B 66 -7.19 -14.60 -27.92
CA ASP B 66 -7.37 -14.49 -26.47
C ASP B 66 -6.49 -13.35 -25.94
N GLN B 67 -7.13 -12.36 -25.30
CA GLN B 67 -6.36 -11.30 -24.63
C GLN B 67 -5.40 -11.86 -23.60
N LYS B 68 -5.76 -13.01 -23.01
CA LYS B 68 -4.91 -13.69 -22.05
C LYS B 68 -3.66 -14.25 -22.70
N THR B 69 -3.65 -14.39 -24.02
CA THR B 69 -2.50 -15.00 -24.69
C THR B 69 -1.24 -14.16 -24.49
N PHE B 70 -1.30 -12.89 -24.84
CA PHE B 70 -0.10 -12.09 -24.65
C PHE B 70 0.23 -11.92 -23.17
N ALA B 71 -0.77 -12.03 -22.29
CA ALA B 71 -0.51 -11.93 -20.86
C ALA B 71 0.39 -13.04 -20.39
N ASP B 72 0.37 -14.18 -21.08
CA ASP B 72 1.16 -15.33 -20.72
C ASP B 72 2.40 -15.51 -21.59
N ALA B 73 2.59 -14.64 -22.59
CA ALA B 73 3.80 -14.65 -23.40
C ALA B 73 5.03 -14.42 -22.53
N VAL B 74 6.03 -15.28 -22.66
CA VAL B 74 7.29 -15.16 -21.92
C VAL B 74 8.29 -14.45 -22.83
N PRO B 75 8.80 -13.28 -22.44
CA PRO B 75 9.79 -12.60 -23.28
C PRO B 75 11.10 -13.37 -23.32
N LYS B 76 11.68 -13.45 -24.52
CA LYS B 76 12.91 -14.22 -24.70
C LYS B 76 14.11 -13.48 -24.11
N SER B 77 14.07 -12.16 -24.08
CA SER B 77 15.11 -11.30 -23.56
C SER B 77 14.51 -10.34 -22.55
N ASP B 78 15.35 -9.47 -22.00
CA ASP B 78 14.88 -8.46 -21.04
C ASP B 78 13.83 -7.56 -21.70
N PRO B 79 12.68 -7.35 -21.05
CA PRO B 79 11.65 -6.49 -21.66
C PRO B 79 12.08 -5.04 -21.87
N LEU B 80 13.10 -4.57 -21.16
CA LEU B 80 13.58 -3.21 -21.40
C LEU B 80 14.16 -3.09 -22.81
N MET B 81 15.06 -4.01 -23.18
CA MET B 81 15.60 -3.98 -24.54
C MET B 81 14.53 -4.27 -25.57
N ILE B 82 13.53 -5.09 -25.21
CA ILE B 82 12.43 -5.36 -26.12
C ILE B 82 11.60 -4.11 -26.33
N LEU B 83 11.35 -3.35 -25.25
CA LEU B 83 10.67 -2.07 -25.37
C LEU B 83 11.47 -1.10 -26.24
N ALA B 84 12.76 -0.94 -25.93
CA ALA B 84 13.62 -0.01 -26.65
C ALA B 84 13.62 -0.32 -28.14
N ASP B 85 13.80 -1.59 -28.50
CA ASP B 85 13.69 -1.98 -29.90
C ASP B 85 12.31 -1.61 -30.45
N TYR B 86 11.27 -1.71 -29.62
CA TYR B 86 9.91 -1.41 -30.07
C TYR B 86 9.75 0.08 -30.37
N ARG B 87 10.21 0.94 -29.45
CA ARG B 87 10.22 2.37 -29.69
C ARG B 87 10.84 2.68 -31.05
N MET B 88 12.08 2.21 -31.25
CA MET B 88 12.83 2.57 -32.45
C MET B 88 12.22 1.98 -33.70
N GLN B 89 11.77 0.72 -33.64
CA GLN B 89 11.29 0.05 -34.85
C GLN B 89 9.80 0.28 -35.08
N HIS B 90 9.29 1.43 -34.62
CA HIS B 90 7.86 1.82 -34.62
C HIS B 90 7.11 1.16 -33.47
N ASP B 96 4.44 -5.73 -39.29
CA ASP B 96 5.58 -6.46 -38.77
C ASP B 96 5.40 -6.80 -37.29
N LEU B 97 4.29 -6.34 -36.70
CA LEU B 97 4.08 -6.49 -35.26
C LEU B 97 4.12 -7.96 -34.83
N ARG B 98 3.41 -8.83 -35.56
CA ARG B 98 3.45 -10.26 -35.25
C ARG B 98 4.88 -10.78 -35.27
N HIS B 99 5.58 -10.55 -36.39
CA HIS B 99 6.97 -10.95 -36.51
C HIS B 99 7.80 -10.49 -35.31
N PHE B 100 7.66 -9.21 -34.94
CA PHE B 100 8.43 -8.71 -33.81
C PHE B 100 8.09 -9.45 -32.54
N VAL B 101 6.80 -9.61 -32.26
CA VAL B 101 6.37 -10.40 -31.11
C VAL B 101 6.96 -11.81 -31.18
N GLU B 102 6.67 -12.52 -32.28
CA GLU B 102 7.16 -13.88 -32.45
C GLU B 102 8.67 -13.96 -32.32
N MET B 103 9.35 -12.87 -32.67
CA MET B 103 10.80 -12.78 -32.54
C MET B 103 11.23 -12.72 -31.08
N ASN B 104 10.39 -12.13 -30.22
CA ASN B 104 10.81 -11.72 -28.88
C ASN B 104 10.09 -12.47 -27.75
N PHE B 105 9.10 -13.31 -28.05
CA PHE B 105 8.32 -13.93 -26.99
C PHE B 105 8.06 -15.40 -27.31
N THR B 106 8.00 -16.22 -26.26
CA THR B 106 7.46 -17.58 -26.36
C THR B 106 5.97 -17.53 -26.06
N LEU B 107 5.17 -17.99 -26.99
CA LEU B 107 3.74 -18.06 -26.80
C LEU B 107 3.37 -19.28 -25.95
N PRO B 108 2.23 -19.27 -25.29
CA PRO B 108 1.79 -20.47 -24.56
C PRO B 108 1.51 -21.63 -25.51
N ALA B 109 1.78 -22.83 -25.01
CA ALA B 109 1.64 -24.03 -25.84
C ALA B 109 0.18 -24.38 -26.08
N GLU B 110 -0.17 -24.63 -27.35
CA GLU B 110 -1.32 -25.49 -27.64
C GLU B 110 -1.16 -26.78 -26.85
N GLY B 111 -2.23 -27.22 -26.22
CA GLY B 111 -2.19 -28.46 -25.46
C GLY B 111 -2.70 -29.65 -26.25
N GLU B 112 -2.29 -30.85 -25.81
CA GLU B 112 -2.93 -32.07 -26.26
C GLU B 112 -4.34 -32.16 -25.68
N LYS B 113 -5.35 -32.28 -26.55
CA LYS B 113 -6.69 -32.57 -26.10
C LYS B 113 -6.71 -33.87 -25.30
N TYR B 114 -7.72 -34.00 -24.44
CA TYR B 114 -7.90 -35.20 -23.63
C TYR B 114 -9.16 -35.91 -24.11
N VAL B 115 -9.01 -37.20 -24.41
CA VAL B 115 -10.16 -38.06 -24.68
C VAL B 115 -10.09 -39.19 -23.65
N PRO B 116 -11.13 -39.40 -22.85
CA PRO B 116 -11.06 -40.42 -21.81
C PRO B 116 -11.29 -41.80 -22.40
N PRO B 117 -10.87 -42.85 -21.69
CA PRO B 117 -11.38 -44.19 -22.03
C PRO B 117 -12.91 -44.18 -22.02
N ALA B 118 -13.51 -44.85 -22.97
CA ALA B 118 -14.95 -44.86 -23.01
C ALA B 118 -15.48 -45.95 -22.08
N GLY B 119 -16.80 -46.04 -21.97
CA GLY B 119 -17.39 -46.92 -20.98
C GLY B 119 -17.11 -46.49 -19.56
N GLN B 120 -17.13 -45.19 -19.29
CA GLN B 120 -16.88 -44.63 -17.97
C GLN B 120 -18.19 -44.16 -17.36
N SER B 121 -18.50 -44.68 -16.17
CA SER B 121 -19.55 -44.06 -15.38
C SER B 121 -19.10 -42.66 -14.94
N LEU B 122 -20.09 -41.83 -14.61
CA LEU B 122 -19.85 -40.50 -14.05
C LEU B 122 -18.76 -40.50 -12.97
N ARG B 123 -18.84 -41.42 -12.02
CA ARG B 123 -17.88 -41.41 -10.92
C ARG B 123 -16.49 -41.81 -11.39
N GLU B 124 -16.40 -42.89 -12.19
CA GLU B 124 -15.10 -43.29 -12.69
C GLU B 124 -14.49 -42.19 -13.55
N HIS B 125 -15.31 -41.46 -14.31
CA HIS B 125 -14.81 -40.34 -15.11
C HIS B 125 -14.16 -39.26 -14.25
N ILE B 126 -14.80 -38.90 -13.13
CA ILE B 126 -14.23 -37.90 -12.23
C ILE B 126 -12.98 -38.45 -11.55
N ASP B 127 -13.06 -39.67 -11.01
CA ASP B 127 -11.92 -40.20 -10.28
C ASP B 127 -10.71 -40.42 -11.19
N ASP B 128 -10.95 -40.82 -12.44
CA ASP B 128 -9.85 -41.00 -13.40
C ASP B 128 -9.15 -39.69 -13.71
N LEU B 129 -9.82 -38.55 -13.53
CA LEU B 129 -9.27 -37.29 -13.97
C LEU B 129 -8.28 -36.66 -13.00
N TRP B 130 -8.32 -37.03 -11.71
CA TRP B 130 -7.42 -36.39 -10.75
C TRP B 130 -5.95 -36.47 -11.14
N PRO B 131 -5.41 -37.59 -11.61
CA PRO B 131 -4.02 -37.56 -12.10
C PRO B 131 -3.87 -36.78 -13.40
N VAL B 132 -4.89 -36.81 -14.26
CA VAL B 132 -4.83 -36.05 -15.51
C VAL B 132 -4.67 -34.56 -15.21
N LEU B 133 -5.37 -34.06 -14.19
CA LEU B 133 -5.39 -32.64 -13.88
C LEU B 133 -4.34 -32.22 -12.86
N THR B 134 -3.39 -33.10 -12.54
CA THR B 134 -2.33 -32.74 -11.62
C THR B 134 -1.19 -32.07 -12.36
N ARG B 135 -0.66 -31.00 -11.76
CA ARG B 135 0.38 -30.21 -12.39
C ARG B 135 1.47 -29.92 -11.36
N THR B 136 2.69 -29.73 -11.88
CA THR B 136 3.81 -29.27 -11.07
C THR B 136 4.53 -28.19 -11.86
N THR B 137 4.66 -27.02 -11.26
CA THR B 137 5.47 -25.93 -11.81
C THR B 137 6.12 -25.27 -10.60
N ASP B 138 7.26 -25.82 -10.17
CA ASP B 138 7.98 -25.29 -9.03
C ASP B 138 9.15 -24.41 -9.45
N LYS B 139 9.41 -24.29 -10.74
CA LYS B 139 10.33 -23.31 -11.29
C LYS B 139 9.65 -22.70 -12.51
N ALA B 140 9.77 -21.38 -12.63
CA ALA B 140 9.26 -20.71 -13.82
C ALA B 140 10.23 -20.93 -14.97
N SER B 141 9.71 -20.89 -16.19
CA SER B 141 10.53 -21.15 -17.36
C SER B 141 11.61 -20.09 -17.56
N ASN B 142 11.59 -19.00 -16.79
CA ASN B 142 12.38 -17.82 -17.06
C ASN B 142 12.05 -16.82 -15.96
N LYS B 143 12.94 -15.84 -15.78
CA LYS B 143 12.77 -14.84 -14.73
C LYS B 143 11.72 -13.78 -15.07
N TRP B 144 11.28 -13.69 -16.32
CA TRP B 144 10.21 -12.79 -16.71
C TRP B 144 8.89 -13.51 -16.96
N ASP B 145 8.74 -14.72 -16.44
CA ASP B 145 7.52 -15.49 -16.63
C ASP B 145 6.43 -14.97 -15.69
N SER B 146 5.25 -14.67 -16.24
CA SER B 146 4.14 -14.26 -15.38
C SER B 146 3.69 -15.38 -14.45
N LEU B 147 4.05 -16.62 -14.74
CA LEU B 147 3.57 -17.76 -13.96
C LEU B 147 4.38 -17.87 -12.67
N LEU B 148 3.67 -17.89 -11.53
CA LEU B 148 4.33 -17.92 -10.24
C LEU B 148 4.56 -19.35 -9.79
N PRO B 149 5.78 -19.76 -9.50
CA PRO B 149 6.03 -21.15 -9.14
C PRO B 149 5.52 -21.46 -7.74
N LEU B 150 5.12 -22.72 -7.55
CA LEU B 150 4.58 -23.22 -6.30
C LEU B 150 5.34 -24.45 -5.87
N PRO B 151 5.60 -24.60 -4.57
CA PRO B 151 6.44 -25.74 -4.11
C PRO B 151 5.88 -27.12 -4.41
N LYS B 152 4.56 -27.32 -4.26
CA LYS B 152 3.96 -28.65 -4.35
C LYS B 152 3.13 -28.83 -5.62
N PRO B 153 2.80 -30.07 -5.98
CA PRO B 153 1.85 -30.28 -7.08
C PRO B 153 0.45 -29.81 -6.70
N TYR B 154 -0.37 -29.60 -7.72
CA TYR B 154 -1.73 -29.05 -7.52
C TYR B 154 -2.61 -29.52 -8.66
N VAL B 155 -3.92 -29.41 -8.48
CA VAL B 155 -4.90 -29.80 -9.50
C VAL B 155 -5.54 -28.55 -10.10
N VAL B 156 -5.59 -28.48 -11.43
CA VAL B 156 -6.23 -27.36 -12.12
C VAL B 156 -7.66 -27.75 -12.48
N PRO B 157 -8.53 -26.81 -12.86
CA PRO B 157 -9.91 -27.21 -13.21
C PRO B 157 -10.00 -28.06 -14.45
N GLY B 158 -9.28 -27.70 -15.52
CA GLY B 158 -9.33 -28.44 -16.77
C GLY B 158 -7.97 -28.39 -17.40
N GLY B 159 -7.73 -29.31 -18.34
CA GLY B 159 -6.42 -29.39 -18.96
C GLY B 159 -6.03 -28.14 -19.73
N ARG B 160 -7.03 -27.38 -20.20
CA ARG B 160 -6.80 -26.08 -20.81
C ARG B 160 -6.22 -25.05 -19.84
N PHE B 161 -6.40 -25.24 -18.53
CA PHE B 161 -6.00 -24.23 -17.56
C PHE B 161 -4.48 -24.16 -17.41
N ARG B 162 -3.97 -22.93 -17.40
CA ARG B 162 -2.54 -22.65 -17.30
C ARG B 162 -2.11 -22.20 -15.91
N GLU B 163 -3.01 -22.25 -14.92
CA GLU B 163 -2.71 -21.84 -13.56
C GLU B 163 -3.84 -22.30 -12.66
N VAL B 164 -3.59 -22.26 -11.36
CA VAL B 164 -4.54 -22.72 -10.34
C VAL B 164 -5.11 -21.51 -9.59
N TYR B 165 -6.39 -21.54 -9.30
CA TYR B 165 -7.09 -20.40 -8.72
C TYR B 165 -7.50 -20.71 -7.28
N TYR B 166 -7.99 -19.68 -6.59
CA TYR B 166 -8.17 -19.78 -5.13
C TYR B 166 -9.45 -20.52 -4.74
N TRP B 167 -10.63 -19.89 -4.88
CA TRP B 167 -11.80 -20.43 -4.20
C TRP B 167 -12.34 -21.68 -4.87
N ASP B 168 -12.22 -21.79 -6.19
CA ASP B 168 -12.69 -22.99 -6.86
C ASP B 168 -11.92 -24.21 -6.39
N SER B 169 -10.67 -24.02 -5.94
CA SER B 169 -9.87 -25.14 -5.48
C SER B 169 -10.48 -25.81 -4.26
N TYR B 170 -11.17 -25.06 -3.40
CA TYR B 170 -11.82 -25.68 -2.25
C TYR B 170 -12.80 -26.75 -2.68
N PHE B 171 -13.64 -26.43 -3.66
CA PHE B 171 -14.62 -27.37 -4.14
C PHE B 171 -13.97 -28.52 -4.89
N THR B 172 -12.86 -28.27 -5.59
CA THR B 172 -12.10 -29.37 -6.17
C THR B 172 -11.51 -30.24 -5.07
N MET B 173 -11.02 -29.62 -4.01
CA MET B 173 -10.44 -30.35 -2.91
C MET B 173 -11.47 -31.17 -2.14
N LEU B 174 -12.77 -30.81 -2.21
CA LEU B 174 -13.79 -31.67 -1.60
C LEU B 174 -13.87 -33.01 -2.31
N GLY B 175 -13.80 -33.01 -3.64
CA GLY B 175 -13.80 -34.25 -4.39
C GLY B 175 -12.52 -35.06 -4.21
N LEU B 176 -11.37 -34.39 -4.10
CA LEU B 176 -10.14 -35.09 -3.74
C LEU B 176 -10.29 -35.78 -2.39
N ALA B 177 -10.87 -35.07 -1.41
CA ALA B 177 -11.07 -35.65 -0.08
C ALA B 177 -12.00 -36.85 -0.14
N GLU B 178 -13.07 -36.74 -0.94
CA GLU B 178 -14.01 -37.84 -1.08
C GLU B 178 -13.35 -39.07 -1.68
N SER B 179 -12.38 -38.90 -2.56
CA SER B 179 -11.68 -40.02 -3.19
C SER B 179 -10.33 -40.31 -2.54
N ASP B 180 -10.16 -39.87 -1.28
CA ASP B 180 -9.04 -40.29 -0.44
C ASP B 180 -7.69 -39.84 -0.98
N HIS B 181 -7.67 -38.74 -1.73
CA HIS B 181 -6.41 -38.18 -2.21
C HIS B 181 -5.92 -37.11 -1.24
N TRP B 182 -5.55 -37.58 -0.04
CA TRP B 182 -5.17 -36.64 1.02
C TRP B 182 -3.77 -36.06 0.83
N ASP B 183 -2.87 -36.78 0.16
CA ASP B 183 -1.57 -36.18 -0.12
C ASP B 183 -1.74 -34.97 -1.05
N LYS B 184 -2.65 -35.08 -2.03
CA LYS B 184 -2.90 -33.97 -2.95
C LYS B 184 -3.49 -32.78 -2.22
N ILE B 185 -4.41 -33.03 -1.29
CA ILE B 185 -4.98 -31.94 -0.51
C ILE B 185 -3.89 -31.29 0.31
N SER B 186 -3.07 -32.11 0.97
CA SER B 186 -1.92 -31.59 1.70
C SER B 186 -1.05 -30.72 0.81
N ASP B 187 -0.81 -31.15 -0.43
CA ASP B 187 0.02 -30.38 -1.35
C ASP B 187 -0.59 -29.02 -1.65
N MET B 188 -1.91 -28.99 -1.88
CA MET B 188 -2.55 -27.75 -2.26
C MET B 188 -2.65 -26.79 -1.08
N VAL B 189 -2.86 -27.29 0.12
CA VAL B 189 -2.84 -26.42 1.28
C VAL B 189 -1.44 -25.84 1.45
N ASP B 190 -0.40 -26.63 1.16
CA ASP B 190 0.97 -26.14 1.26
C ASP B 190 1.20 -24.98 0.31
N ASN B 191 0.74 -25.14 -0.93
CA ASN B 191 0.91 -24.08 -1.92
C ASN B 191 0.26 -22.80 -1.45
N PHE B 192 -0.99 -22.90 -0.98
CA PHE B 192 -1.70 -21.70 -0.51
C PHE B 192 -1.01 -21.11 0.71
N ALA B 193 -0.52 -21.96 1.62
CA ALA B 193 0.20 -21.46 2.78
C ALA B 193 1.52 -20.81 2.36
N TYR B 194 2.14 -21.34 1.30
CA TYR B 194 3.33 -20.71 0.76
C TYR B 194 2.99 -19.36 0.16
N GLU B 195 1.90 -19.29 -0.62
CA GLU B 195 1.51 -18.02 -1.23
C GLU B 195 1.23 -16.96 -0.15
N ILE B 196 0.63 -17.37 0.97
CA ILE B 196 0.39 -16.43 2.07
C ILE B 196 1.73 -15.95 2.65
N ASP B 197 2.71 -16.84 2.75
CA ASP B 197 4.00 -16.46 3.32
C ASP B 197 4.81 -15.60 2.38
N THR B 198 4.69 -15.82 1.07
CA THR B 198 5.47 -15.09 0.10
C THR B 198 4.83 -13.79 -0.35
N PHE B 199 3.51 -13.74 -0.44
CA PHE B 199 2.82 -12.58 -0.97
C PHE B 199 1.95 -11.85 0.03
N GLY B 200 1.79 -12.37 1.25
CA GLY B 200 0.90 -11.76 2.21
C GLY B 200 -0.57 -12.10 2.04
N HIS B 201 -0.93 -12.75 0.94
CA HIS B 201 -2.30 -13.21 0.71
C HIS B 201 -2.25 -14.27 -0.35
N ILE B 202 -3.41 -14.84 -0.67
CA ILE B 202 -3.53 -15.79 -1.76
C ILE B 202 -4.00 -15.00 -3.00
N PRO B 203 -3.16 -14.88 -4.02
CA PRO B 203 -3.62 -14.17 -5.22
C PRO B 203 -4.75 -14.94 -5.91
N ASN B 204 -5.49 -14.20 -6.75
CA ASN B 204 -6.58 -14.80 -7.50
C ASN B 204 -6.15 -16.12 -8.16
N GLY B 205 -4.99 -16.13 -8.79
CA GLY B 205 -4.33 -17.31 -9.29
C GLY B 205 -2.84 -17.09 -9.20
N ASN B 206 -2.05 -18.13 -9.51
CA ASN B 206 -0.59 -17.97 -9.44
C ASN B 206 -0.05 -17.36 -10.74
N ARG B 207 -0.55 -16.17 -11.05
CA ARG B 207 -0.04 -15.32 -12.12
C ARG B 207 0.36 -13.98 -11.52
N SER B 208 1.44 -13.39 -12.06
CA SER B 208 1.90 -12.09 -11.59
C SER B 208 0.80 -11.04 -11.67
N TYR B 209 -0.02 -11.07 -12.71
CA TYR B 209 -1.10 -10.12 -12.87
C TYR B 209 -2.34 -10.45 -12.01
N TYR B 210 -2.29 -11.47 -11.16
CA TYR B 210 -3.33 -11.69 -10.16
C TYR B 210 -2.87 -11.27 -8.77
N LEU B 211 -1.62 -10.80 -8.61
CA LEU B 211 -1.13 -10.56 -7.25
C LEU B 211 -1.88 -9.42 -6.57
N SER B 212 -2.44 -8.49 -7.34
CA SER B 212 -3.06 -7.29 -6.79
C SER B 212 -4.43 -7.56 -6.14
N ARG B 213 -4.92 -8.80 -6.17
CA ARG B 213 -6.21 -9.11 -5.57
C ARG B 213 -6.20 -10.55 -5.07
N SER B 214 -7.29 -10.93 -4.40
CA SER B 214 -7.43 -12.31 -3.91
C SER B 214 -8.68 -12.94 -4.51
N GLN B 215 -9.40 -13.72 -3.71
CA GLN B 215 -10.64 -14.35 -4.13
C GLN B 215 -11.45 -14.68 -2.87
N PRO B 216 -12.65 -15.24 -2.97
CA PRO B 216 -13.39 -15.58 -1.75
C PRO B 216 -12.54 -16.49 -0.87
N PRO B 217 -12.38 -16.13 0.39
CA PRO B 217 -11.32 -16.70 1.24
C PRO B 217 -11.65 -18.06 1.86
N PHE B 218 -11.43 -19.11 1.07
CA PHE B 218 -11.71 -20.48 1.52
C PHE B 218 -10.49 -21.16 2.14
N PHE B 219 -9.37 -20.45 2.33
CA PHE B 219 -8.15 -21.09 2.81
C PHE B 219 -8.36 -21.78 4.16
N SER B 220 -8.96 -21.07 5.13
CA SER B 220 -9.18 -21.63 6.45
C SER B 220 -10.11 -22.83 6.40
N MET B 221 -11.03 -22.85 5.44
CA MET B 221 -11.91 -24.00 5.26
C MET B 221 -11.16 -25.17 4.61
N MET B 222 -10.21 -24.87 3.73
CA MET B 222 -9.33 -25.93 3.21
C MET B 222 -8.52 -26.54 4.35
N VAL B 223 -8.02 -25.69 5.26
CA VAL B 223 -7.34 -26.21 6.45
C VAL B 223 -8.29 -27.05 7.28
N GLU B 224 -9.54 -26.58 7.45
CA GLU B 224 -10.53 -27.34 8.20
C GLU B 224 -10.79 -28.68 7.53
N LEU B 225 -10.76 -28.69 6.20
CA LEU B 225 -10.97 -29.92 5.44
C LEU B 225 -9.85 -30.91 5.69
N LEU B 226 -8.60 -30.42 5.70
CA LEU B 226 -7.49 -31.29 6.03
C LEU B 226 -7.56 -31.77 7.48
N ALA B 227 -8.07 -30.94 8.39
CA ALA B 227 -8.16 -31.30 9.80
C ALA B 227 -9.16 -32.42 10.08
N THR B 228 -10.11 -32.68 9.17
CA THR B 228 -10.97 -33.86 9.37
C THR B 228 -10.19 -35.15 9.22
N HIS B 229 -9.13 -35.12 8.42
CA HIS B 229 -8.22 -36.25 8.21
C HIS B 229 -7.07 -36.27 9.22
N ASP B 230 -6.57 -35.10 9.62
CA ASP B 230 -5.50 -35.01 10.62
C ASP B 230 -5.79 -33.78 11.47
N SER B 231 -6.37 -33.99 12.65
CA SER B 231 -6.93 -32.88 13.42
C SER B 231 -5.89 -31.87 13.86
N ASP B 232 -4.61 -32.22 13.80
CA ASP B 232 -3.54 -31.28 14.14
C ASP B 232 -3.23 -30.28 13.02
N ALA B 233 -3.81 -30.45 11.83
CA ALA B 233 -3.61 -29.49 10.75
C ALA B 233 -4.04 -28.07 11.12
N LEU B 234 -5.09 -27.92 11.93
CA LEU B 234 -5.60 -26.59 12.23
C LEU B 234 -4.55 -25.76 12.98
N LYS B 235 -3.84 -26.38 13.94
CA LYS B 235 -2.81 -25.63 14.62
C LYS B 235 -1.58 -25.48 13.77
N LYS B 236 -1.32 -26.46 12.90
CA LYS B 236 -0.16 -26.38 12.03
C LYS B 236 -0.20 -25.10 11.19
N TYR B 237 -1.32 -24.84 10.54
CA TYR B 237 -1.41 -23.77 9.58
C TYR B 237 -1.95 -22.49 10.17
N ARG B 238 -2.15 -22.45 11.49
CA ARG B 238 -2.65 -21.24 12.13
C ARG B 238 -1.87 -19.98 11.77
N PRO B 239 -0.53 -19.98 11.69
CA PRO B 239 0.16 -18.74 11.31
C PRO B 239 -0.26 -18.19 9.95
N GLN B 240 -0.44 -19.05 8.96
CA GLN B 240 -0.88 -18.58 7.64
C GLN B 240 -2.32 -18.11 7.67
N MET B 241 -3.18 -18.81 8.43
CA MET B 241 -4.55 -18.37 8.59
C MET B 241 -4.59 -16.98 9.17
N GLU B 242 -3.76 -16.72 10.18
CA GLU B 242 -3.77 -15.42 10.84
C GLU B 242 -3.24 -14.35 9.91
N LYS B 243 -2.25 -14.68 9.08
CA LYS B 243 -1.69 -13.72 8.13
C LYS B 243 -2.72 -13.34 7.09
N GLU B 244 -3.41 -14.34 6.52
CA GLU B 244 -4.48 -14.02 5.58
C GLU B 244 -5.51 -13.13 6.24
N TYR B 245 -5.92 -13.48 7.47
CA TYR B 245 -6.87 -12.64 8.19
C TYR B 245 -6.37 -11.19 8.30
N ALA B 246 -5.08 -11.03 8.56
CA ALA B 246 -4.51 -9.68 8.66
C ALA B 246 -4.65 -8.94 7.34
N TYR B 247 -4.44 -9.64 6.24
CA TYR B 247 -4.63 -9.06 4.92
C TYR B 247 -6.05 -8.56 4.73
N TRP B 248 -7.06 -9.39 5.04
CA TRP B 248 -8.44 -8.93 4.84
C TRP B 248 -8.76 -7.75 5.74
N MET B 249 -8.26 -7.75 6.97
CA MET B 249 -8.58 -6.67 7.90
C MET B 249 -7.58 -5.51 7.83
N ASP B 250 -6.63 -5.56 6.89
CA ASP B 250 -5.62 -4.53 6.71
C ASP B 250 -6.22 -3.12 6.75
N GLY B 251 -5.89 -2.35 7.78
CA GLY B 251 -6.36 -0.99 7.89
C GLY B 251 -7.49 -0.78 8.88
N VAL B 252 -8.04 -1.85 9.46
CA VAL B 252 -9.28 -1.73 10.22
C VAL B 252 -9.11 -0.87 11.48
N ASP B 253 -7.94 -0.92 12.13
CA ASP B 253 -7.76 -0.20 13.38
C ASP B 253 -7.66 1.31 13.19
N ALA B 254 -7.35 1.79 11.99
CA ALA B 254 -7.34 3.22 11.72
C ALA B 254 -8.72 3.74 11.33
N LEU B 255 -9.70 2.87 11.19
CA LEU B 255 -10.95 3.24 10.55
C LEU B 255 -11.85 3.98 11.56
N GLN B 256 -12.43 5.09 11.12
CA GLN B 256 -13.48 5.76 11.87
C GLN B 256 -14.82 5.44 11.23
N PRO B 257 -15.93 5.59 11.96
CA PRO B 257 -17.24 5.20 11.39
C PRO B 257 -17.51 5.93 10.08
N GLY B 258 -17.98 5.17 9.08
CA GLY B 258 -18.27 5.73 7.79
C GLY B 258 -17.14 5.67 6.79
N GLN B 259 -16.01 5.08 7.15
CA GLN B 259 -14.82 5.09 6.30
C GLN B 259 -14.51 3.67 5.79
N ALA B 260 -13.86 3.61 4.62
CA ALA B 260 -13.45 2.34 4.04
C ALA B 260 -11.94 2.38 3.77
N ASN B 261 -11.30 1.21 3.80
CA ASN B 261 -9.91 1.11 3.33
C ASN B 261 -9.66 -0.30 2.82
N LYS B 262 -9.30 -0.40 1.54
CA LYS B 262 -9.02 -1.67 0.90
C LYS B 262 -10.17 -2.65 1.10
N ARG B 263 -9.93 -3.72 1.86
CA ARG B 263 -10.87 -4.82 1.98
C ARG B 263 -11.78 -4.72 3.20
N VAL B 264 -11.76 -3.59 3.94
CA VAL B 264 -12.54 -3.48 5.17
C VAL B 264 -13.27 -2.14 5.24
N VAL B 265 -14.47 -2.15 5.82
CA VAL B 265 -15.24 -0.93 6.04
C VAL B 265 -15.70 -0.86 7.49
N LYS B 266 -15.89 0.36 7.97
CA LYS B 266 -16.55 0.64 9.24
C LYS B 266 -17.81 1.45 8.96
N LEU B 267 -18.96 0.88 9.26
CA LEU B 267 -20.23 1.57 9.01
C LEU B 267 -20.47 2.63 10.07
N ASP B 268 -21.50 3.46 9.84
CA ASP B 268 -21.76 4.61 10.72
C ASP B 268 -21.97 4.17 12.16
N ASP B 269 -22.50 2.97 12.39
CA ASP B 269 -22.72 2.52 13.74
C ASP B 269 -21.50 1.84 14.34
N GLY B 270 -20.38 1.84 13.62
CA GLY B 270 -19.16 1.21 14.09
C GLY B 270 -19.01 -0.25 13.71
N ALA B 271 -19.97 -0.83 12.97
CA ALA B 271 -19.89 -2.23 12.57
C ALA B 271 -18.76 -2.43 11.58
N ILE B 272 -18.02 -3.51 11.74
CA ILE B 272 -16.88 -3.84 10.89
C ILE B 272 -17.28 -4.95 9.93
N LEU B 273 -17.13 -4.70 8.63
CA LEU B 273 -17.40 -5.72 7.62
C LEU B 273 -16.33 -5.64 6.53
N ASN B 274 -16.37 -6.58 5.60
CA ASN B 274 -15.36 -6.66 4.57
C ASN B 274 -16.00 -6.49 3.20
N ARG B 275 -15.18 -6.14 2.23
CA ARG B 275 -15.61 -5.99 0.85
C ARG B 275 -14.51 -6.53 -0.04
N TYR B 276 -14.86 -6.81 -1.29
CA TYR B 276 -13.87 -7.20 -2.28
C TYR B 276 -13.15 -5.95 -2.82
N TRP B 277 -11.85 -6.09 -3.05
CA TRP B 277 -11.02 -4.92 -3.37
C TRP B 277 -9.74 -5.35 -4.05
N ASP B 278 -9.47 -4.79 -5.22
CA ASP B 278 -8.21 -4.98 -5.93
C ASP B 278 -7.32 -3.76 -5.66
N ASP B 279 -6.04 -4.01 -5.36
CA ASP B 279 -5.10 -2.92 -5.06
C ASP B 279 -4.77 -2.07 -6.28
N ARG B 280 -5.16 -2.48 -7.49
CA ARG B 280 -4.81 -1.74 -8.70
C ARG B 280 -6.08 -1.21 -9.36
N ASP B 281 -5.91 -0.15 -10.17
CA ASP B 281 -7.03 0.43 -10.90
C ASP B 281 -6.73 0.54 -12.38
N THR B 282 -6.01 -0.44 -12.90
CA THR B 282 -5.67 -0.50 -14.31
C THR B 282 -6.48 -1.57 -14.99
N PRO B 283 -6.54 -1.59 -16.32
CA PRO B 283 -7.16 -2.73 -17.01
C PRO B 283 -6.54 -4.03 -16.53
N ARG B 284 -7.33 -5.10 -16.59
CA ARG B 284 -6.78 -6.43 -16.30
C ARG B 284 -5.90 -6.88 -17.46
N PRO B 285 -4.61 -7.17 -17.23
CA PRO B 285 -3.77 -7.67 -18.33
C PRO B 285 -4.43 -8.77 -19.13
N GLU B 286 -5.02 -9.73 -18.42
CA GLU B 286 -5.61 -10.91 -19.06
C GLU B 286 -6.93 -10.59 -19.74
N SER B 287 -7.44 -9.36 -19.61
CA SER B 287 -8.62 -8.89 -20.33
C SER B 287 -8.47 -7.43 -20.74
N TRP B 288 -7.30 -7.07 -21.25
CA TRP B 288 -6.92 -5.65 -21.36
C TRP B 288 -7.92 -4.86 -22.20
N LEU B 289 -8.25 -5.36 -23.39
CA LEU B 289 -9.00 -4.54 -24.32
C LEU B 289 -10.47 -4.44 -23.90
N ASP B 290 -11.03 -5.52 -23.34
CA ASP B 290 -12.41 -5.47 -22.89
C ASP B 290 -12.56 -4.44 -21.77
N ASP B 291 -11.67 -4.48 -20.78
CA ASP B 291 -11.76 -3.52 -19.68
C ASP B 291 -11.61 -2.09 -20.18
N VAL B 292 -10.65 -1.84 -21.08
CA VAL B 292 -10.53 -0.51 -21.66
C VAL B 292 -11.84 -0.10 -22.34
N ASN B 293 -12.39 -0.99 -23.16
CA ASN B 293 -13.59 -0.66 -23.91
C ASN B 293 -14.81 -0.51 -23.00
N THR B 294 -14.88 -1.35 -21.95
CA THR B 294 -15.95 -1.19 -20.96
C THR B 294 -15.90 0.21 -20.35
N ALA B 295 -14.70 0.66 -19.96
CA ALA B 295 -14.58 1.97 -19.33
C ALA B 295 -14.89 3.09 -20.32
N LYS B 296 -14.53 2.90 -21.58
CA LYS B 296 -14.86 3.93 -22.56
C LYS B 296 -16.36 4.03 -22.77
N SER B 297 -17.08 2.90 -22.65
CA SER B 297 -18.53 2.91 -22.79
C SER B 297 -19.22 3.83 -21.80
N ASN B 298 -18.57 4.14 -20.67
CA ASN B 298 -19.14 5.02 -19.67
C ASN B 298 -18.15 6.15 -19.45
N PRO B 299 -17.98 7.01 -20.45
CA PRO B 299 -16.94 8.04 -20.36
C PRO B 299 -17.14 9.01 -19.22
N ASN B 300 -18.38 9.18 -18.74
CA ASN B 300 -18.63 10.11 -17.64
C ASN B 300 -17.96 9.67 -16.35
N ARG B 301 -17.90 8.35 -16.08
CA ARG B 301 -17.24 7.88 -14.88
C ARG B 301 -15.72 7.87 -15.08
N PRO B 302 -14.96 8.23 -14.06
CA PRO B 302 -13.50 8.06 -14.12
C PRO B 302 -13.17 6.60 -14.38
N ALA B 303 -12.31 6.37 -15.37
CA ALA B 303 -12.02 5.00 -15.79
C ALA B 303 -11.38 4.20 -14.65
N THR B 304 -10.51 4.83 -13.86
CA THR B 304 -9.89 4.15 -12.73
C THR B 304 -10.93 3.49 -11.83
N GLU B 305 -12.08 4.15 -11.62
CA GLU B 305 -13.17 3.57 -10.83
C GLU B 305 -13.70 2.30 -11.48
N ILE B 306 -13.90 2.33 -12.80
CA ILE B 306 -14.49 1.18 -13.47
C ILE B 306 -13.51 0.01 -13.47
N TYR B 307 -12.22 0.29 -13.71
CA TYR B 307 -11.20 -0.75 -13.65
C TYR B 307 -11.10 -1.34 -12.25
N ARG B 308 -11.17 -0.49 -11.23
CA ARG B 308 -11.15 -0.99 -9.85
C ARG B 308 -12.34 -1.89 -9.60
N ASP B 309 -13.51 -1.47 -10.07
CA ASP B 309 -14.72 -2.26 -9.84
C ASP B 309 -14.79 -3.50 -10.72
N LEU B 310 -14.19 -3.47 -11.91
CA LEU B 310 -14.08 -4.71 -12.69
C LEU B 310 -13.16 -5.69 -11.99
N ARG B 311 -12.00 -5.22 -11.56
CA ARG B 311 -11.03 -6.11 -10.94
C ARG B 311 -11.59 -6.70 -9.65
N SER B 312 -12.29 -5.88 -8.87
CA SER B 312 -12.79 -6.33 -7.59
C SER B 312 -13.92 -7.35 -7.76
N ALA B 313 -14.70 -7.25 -8.85
CA ALA B 313 -15.66 -8.29 -9.17
C ALA B 313 -14.96 -9.60 -9.56
N ALA B 314 -13.78 -9.53 -10.16
CA ALA B 314 -13.01 -10.75 -10.37
C ALA B 314 -12.57 -11.31 -9.03
N ALA B 315 -12.17 -10.45 -8.09
CA ALA B 315 -11.81 -10.94 -6.76
C ALA B 315 -13.00 -11.57 -6.05
N SER B 316 -14.21 -11.08 -6.31
CA SER B 316 -15.42 -11.65 -5.71
C SER B 316 -15.74 -13.05 -6.23
N GLY B 317 -15.12 -13.52 -7.30
CA GLY B 317 -15.49 -14.78 -7.92
C GLY B 317 -16.69 -14.73 -8.84
N TRP B 318 -17.56 -13.71 -8.71
CA TRP B 318 -18.75 -13.56 -9.57
C TRP B 318 -18.45 -12.53 -10.67
N ASP B 319 -17.60 -12.91 -11.62
CA ASP B 319 -17.26 -12.06 -12.77
C ASP B 319 -17.98 -12.59 -14.00
N PHE B 320 -19.12 -11.98 -14.35
CA PHE B 320 -19.72 -10.86 -13.63
C PHE B 320 -21.18 -11.16 -13.31
N SER B 321 -21.91 -10.15 -12.82
CA SER B 321 -23.25 -10.39 -12.31
C SER B 321 -23.98 -9.06 -12.13
N SER B 322 -25.29 -9.09 -12.38
CA SER B 322 -26.16 -7.96 -12.06
C SER B 322 -25.99 -7.50 -10.62
N ARG B 323 -25.71 -8.43 -9.72
CA ARG B 323 -25.47 -8.17 -8.32
C ARG B 323 -24.61 -6.93 -8.08
N TRP B 324 -23.61 -6.70 -8.94
CA TRP B 324 -22.66 -5.60 -8.82
C TRP B 324 -22.99 -4.39 -9.69
N MET B 325 -23.99 -4.49 -10.55
CA MET B 325 -24.19 -3.51 -11.61
C MET B 325 -25.39 -2.62 -11.31
N ASP B 326 -25.20 -1.31 -11.46
CA ASP B 326 -26.35 -0.41 -11.37
C ASP B 326 -27.35 -0.71 -12.47
N ASP B 327 -26.85 -0.94 -13.67
CA ASP B 327 -27.67 -1.32 -14.81
C ASP B 327 -27.31 -2.75 -15.21
N PRO B 328 -28.20 -3.72 -15.07
CA PRO B 328 -27.82 -5.12 -15.30
C PRO B 328 -27.41 -5.43 -16.74
N GLN B 329 -27.51 -4.47 -17.65
CA GLN B 329 -27.03 -4.68 -19.00
C GLN B 329 -25.84 -3.81 -19.37
N LYS B 330 -25.43 -2.90 -18.48
CA LYS B 330 -24.34 -1.97 -18.77
C LYS B 330 -23.17 -2.25 -17.83
N LEU B 331 -22.30 -3.17 -18.25
CA LEU B 331 -21.13 -3.54 -17.43
C LEU B 331 -20.29 -2.34 -17.05
N GLY B 332 -20.40 -1.23 -17.79
CA GLY B 332 -19.76 0.01 -17.40
C GLY B 332 -20.31 0.64 -16.15
N THR B 333 -21.42 0.13 -15.62
CA THR B 333 -22.02 0.61 -14.37
C THR B 333 -21.73 -0.31 -13.18
N ILE B 334 -20.72 -1.18 -13.29
CA ILE B 334 -20.35 -2.07 -12.20
C ILE B 334 -19.71 -1.25 -11.08
N ARG B 335 -20.08 -1.53 -9.84
CA ARG B 335 -19.62 -0.74 -8.70
C ARG B 335 -19.35 -1.65 -7.50
N THR B 336 -18.47 -2.63 -7.74
CA THR B 336 -18.24 -3.71 -6.79
C THR B 336 -17.74 -3.19 -5.44
N THR B 337 -16.84 -2.21 -5.47
CA THR B 337 -16.19 -1.76 -4.24
C THR B 337 -17.07 -0.87 -3.39
N SER B 338 -18.29 -0.56 -3.83
CA SER B 338 -19.24 0.12 -2.97
C SER B 338 -20.30 -0.84 -2.41
N ILE B 339 -20.06 -2.14 -2.47
CA ILE B 339 -21.04 -3.13 -2.07
C ILE B 339 -20.41 -4.07 -1.05
N VAL B 340 -20.98 -4.10 0.16
CA VAL B 340 -20.55 -5.01 1.22
C VAL B 340 -21.20 -6.38 1.01
N PRO B 341 -20.41 -7.40 0.67
CA PRO B 341 -20.99 -8.67 0.20
C PRO B 341 -21.29 -9.62 1.35
N VAL B 342 -22.47 -10.22 1.29
CA VAL B 342 -22.94 -11.07 2.38
C VAL B 342 -22.25 -12.42 2.34
N ASP B 343 -21.87 -12.93 1.15
CA ASP B 343 -21.15 -14.20 1.12
C ASP B 343 -19.76 -14.04 1.72
N LEU B 344 -19.04 -13.00 1.30
CA LEU B 344 -17.72 -12.74 1.84
C LEU B 344 -17.76 -12.63 3.38
N ASN B 345 -18.71 -11.88 3.90
CA ASN B 345 -18.72 -11.66 5.34
C ASN B 345 -19.20 -12.88 6.13
N ALA B 346 -19.98 -13.77 5.49
CA ALA B 346 -20.18 -15.10 6.04
C ALA B 346 -18.87 -15.88 6.06
N LEU B 347 -18.05 -15.73 5.02
CA LEU B 347 -16.78 -16.45 5.01
C LEU B 347 -15.83 -15.89 6.06
N MET B 348 -15.86 -14.56 6.27
CA MET B 348 -15.00 -13.97 7.30
C MET B 348 -15.41 -14.44 8.68
N PHE B 349 -16.71 -14.60 8.91
CA PHE B 349 -17.20 -15.19 10.14
C PHE B 349 -16.63 -16.59 10.34
N LYS B 350 -16.70 -17.43 9.31
CA LYS B 350 -16.13 -18.76 9.42
C LYS B 350 -14.63 -18.70 9.68
N MET B 351 -13.91 -17.81 9.00
CA MET B 351 -12.47 -17.68 9.24
C MET B 351 -12.19 -17.28 10.68
N GLU B 352 -13.02 -16.38 11.24
CA GLU B 352 -12.80 -15.96 12.62
C GLU B 352 -13.10 -17.09 13.59
N LYS B 353 -14.17 -17.86 13.32
CA LYS B 353 -14.45 -19.04 14.13
C LYS B 353 -13.27 -20.02 14.09
N LEU B 354 -12.76 -20.30 12.90
CA LEU B 354 -11.69 -21.28 12.77
C LEU B 354 -10.38 -20.77 13.38
N LEU B 355 -10.12 -19.46 13.32
CA LEU B 355 -8.96 -18.92 14.01
C LEU B 355 -9.09 -19.10 15.51
N ALA B 356 -10.28 -18.87 16.05
CA ALA B 356 -10.48 -19.08 17.48
C ALA B 356 -10.22 -20.53 17.82
N ARG B 357 -10.70 -21.46 16.98
CA ARG B 357 -10.53 -22.87 17.27
C ARG B 357 -9.06 -23.28 17.14
N ALA B 358 -8.38 -22.79 16.09
CA ALA B 358 -6.97 -23.13 15.91
C ALA B 358 -6.14 -22.64 17.08
N SER B 359 -6.39 -21.39 17.50
CA SER B 359 -5.71 -20.84 18.67
C SER B 359 -5.95 -21.72 19.89
N GLN B 360 -7.22 -22.05 20.16
CA GLN B 360 -7.57 -22.88 21.32
C GLN B 360 -6.80 -24.19 21.31
N GLU B 361 -6.71 -24.84 20.15
CA GLU B 361 -5.94 -26.07 20.04
C GLU B 361 -4.45 -25.84 20.16
N SER B 362 -4.00 -24.59 20.02
CA SER B 362 -2.60 -24.23 20.14
C SER B 362 -2.24 -23.77 21.54
N GLY B 363 -3.13 -23.93 22.51
CA GLY B 363 -2.88 -23.44 23.84
C GLY B 363 -2.81 -21.94 23.96
N ASP B 364 -3.24 -21.19 22.94
CA ASP B 364 -3.22 -19.73 22.96
C ASP B 364 -4.58 -19.21 23.40
N ALA B 365 -4.76 -19.07 24.72
CA ALA B 365 -6.04 -18.55 25.23
C ALA B 365 -6.25 -17.09 24.83
N ALA B 366 -5.19 -16.30 24.75
CA ALA B 366 -5.34 -14.89 24.36
C ALA B 366 -5.89 -14.77 22.94
N SER B 367 -5.26 -15.45 21.98
CA SER B 367 -5.75 -15.39 20.61
C SER B 367 -7.11 -16.06 20.46
N ALA B 368 -7.33 -17.17 21.17
CA ALA B 368 -8.61 -17.85 21.05
C ALA B 368 -9.75 -16.93 21.46
N SER B 369 -9.58 -16.25 22.59
CA SER B 369 -10.64 -15.39 23.08
C SER B 369 -10.81 -14.15 22.21
N LYS B 370 -9.73 -13.68 21.58
CA LYS B 370 -9.84 -12.54 20.69
C LYS B 370 -10.58 -12.88 19.40
N TYR B 371 -10.32 -14.04 18.82
CA TYR B 371 -11.02 -14.42 17.61
C TYR B 371 -12.48 -14.78 17.89
N GLU B 372 -12.78 -15.28 19.09
CA GLU B 372 -14.17 -15.54 19.47
C GLU B 372 -14.97 -14.26 19.57
N ALA B 373 -14.37 -13.19 20.11
CA ALA B 373 -15.04 -11.90 20.19
C ALA B 373 -15.24 -11.29 18.82
N LEU B 374 -14.24 -11.41 17.95
CA LEU B 374 -14.38 -10.93 16.57
C LEU B 374 -15.48 -11.70 15.84
N ALA B 375 -15.55 -13.02 16.07
CA ALA B 375 -16.59 -13.82 15.42
C ALA B 375 -17.96 -13.44 15.95
N THR B 376 -18.06 -13.14 17.24
CA THR B 376 -19.33 -12.73 17.81
C THR B 376 -19.76 -11.39 17.25
N ALA B 377 -18.84 -10.42 17.21
CA ALA B 377 -19.16 -9.13 16.61
C ALA B 377 -19.52 -9.28 15.13
N ARG B 378 -18.78 -10.14 14.41
CA ARG B 378 -19.05 -10.30 12.98
C ARG B 378 -20.44 -10.84 12.77
N GLN B 379 -20.88 -11.75 13.65
CA GLN B 379 -22.20 -12.34 13.51
C GLN B 379 -23.29 -11.30 13.73
N LYS B 380 -23.11 -10.43 14.73
CA LYS B 380 -24.09 -9.38 14.96
C LYS B 380 -24.12 -8.41 13.80
N ALA B 381 -22.94 -8.11 13.23
CA ALA B 381 -22.89 -7.20 12.09
C ALA B 381 -23.66 -7.76 10.90
N ILE B 382 -23.50 -9.07 10.65
CA ILE B 382 -24.25 -9.72 9.57
C ILE B 382 -25.74 -9.63 9.83
N GLU B 383 -26.16 -9.87 11.08
CA GLU B 383 -27.58 -9.89 11.38
C GLU B 383 -28.17 -8.48 11.39
N SER B 384 -27.36 -7.47 11.69
CA SER B 384 -27.84 -6.09 11.74
C SER B 384 -27.87 -5.41 10.37
N HIS B 385 -26.99 -5.80 9.43
CA HIS B 385 -26.83 -5.04 8.20
C HIS B 385 -26.89 -5.85 6.91
N LEU B 386 -26.92 -7.18 6.96
CA LEU B 386 -26.96 -7.97 5.74
C LEU B 386 -28.25 -8.77 5.64
N TRP B 387 -29.28 -8.37 6.40
CA TRP B 387 -30.55 -9.07 6.46
C TRP B 387 -31.66 -8.17 5.91
N ASN B 388 -32.34 -8.62 4.87
CA ASN B 388 -33.45 -7.84 4.31
C ASN B 388 -34.74 -8.34 4.96
N ASP B 389 -35.21 -7.59 5.94
CA ASP B 389 -36.33 -8.04 6.75
C ASP B 389 -37.64 -8.06 5.95
N LYS B 390 -37.86 -7.05 5.10
CA LYS B 390 -39.10 -7.04 4.33
C LYS B 390 -39.18 -8.26 3.42
N GLU B 391 -38.11 -8.55 2.68
CA GLU B 391 -38.12 -9.67 1.75
C GLU B 391 -37.97 -11.01 2.45
N GLY B 392 -37.32 -11.01 3.61
CA GLY B 392 -37.03 -12.25 4.28
C GLY B 392 -35.83 -13.00 3.73
N TRP B 393 -34.74 -12.30 3.40
CA TRP B 393 -33.52 -13.01 3.03
C TRP B 393 -32.29 -12.15 3.32
N TYR B 394 -31.14 -12.81 3.30
CA TYR B 394 -29.86 -12.12 3.41
C TYR B 394 -29.50 -11.48 2.08
N ALA B 395 -28.84 -10.33 2.15
CA ALA B 395 -28.53 -9.60 0.94
C ALA B 395 -27.28 -8.75 1.16
N ASP B 396 -26.77 -8.20 0.07
CA ASP B 396 -25.64 -7.31 0.18
C ASP B 396 -26.07 -5.97 0.76
N TYR B 397 -25.09 -5.24 1.27
CA TYR B 397 -25.30 -3.92 1.84
C TYR B 397 -24.68 -2.89 0.91
N ASP B 398 -25.38 -1.80 0.71
CA ASP B 398 -25.01 -0.76 -0.25
C ASP B 398 -24.36 0.39 0.49
N LEU B 399 -23.07 0.63 0.23
CA LEU B 399 -22.40 1.77 0.85
C LEU B 399 -22.88 3.11 0.31
N LYS B 400 -23.43 3.14 -0.90
CA LYS B 400 -23.93 4.40 -1.43
C LYS B 400 -25.19 4.81 -0.64
N SER B 401 -26.26 4.04 -0.76
CA SER B 401 -27.49 4.34 -0.02
C SER B 401 -27.40 4.04 1.47
N LYS B 402 -26.37 3.32 1.94
CA LYS B 402 -26.22 2.95 3.35
C LYS B 402 -27.41 2.11 3.83
N LYS B 403 -27.85 1.17 2.99
CA LYS B 403 -28.97 0.29 3.28
C LYS B 403 -28.68 -1.09 2.71
N VAL B 404 -29.33 -2.10 3.29
CA VAL B 404 -29.28 -3.45 2.74
C VAL B 404 -30.10 -3.49 1.46
N ARG B 405 -29.62 -4.25 0.48
CA ARG B 405 -30.26 -4.28 -0.82
C ARG B 405 -31.40 -5.29 -0.85
N ASN B 406 -32.20 -5.18 -1.91
CA ASN B 406 -33.35 -6.03 -2.08
C ASN B 406 -33.03 -7.29 -2.87
N GLN B 407 -32.06 -7.22 -3.78
CA GLN B 407 -31.88 -8.30 -4.74
C GLN B 407 -31.55 -9.61 -4.01
N LEU B 408 -32.23 -10.66 -4.44
CA LEU B 408 -31.97 -12.00 -3.93
C LEU B 408 -30.99 -12.71 -4.85
N THR B 409 -29.90 -13.22 -4.26
CA THR B 409 -28.95 -14.04 -5.01
C THR B 409 -28.61 -15.27 -4.17
N ALA B 410 -27.98 -16.26 -4.81
CA ALA B 410 -27.56 -17.46 -4.09
C ALA B 410 -26.61 -17.15 -2.94
N ALA B 411 -26.04 -15.94 -2.88
CA ALA B 411 -25.23 -15.55 -1.74
C ALA B 411 -26.04 -15.47 -0.45
N ALA B 412 -27.37 -15.33 -0.55
CA ALA B 412 -28.24 -15.35 0.60
C ALA B 412 -28.10 -16.63 1.44
N LEU B 413 -27.54 -17.71 0.84
CA LEU B 413 -27.37 -18.98 1.53
C LEU B 413 -26.10 -19.04 2.37
N PHE B 414 -25.13 -18.16 2.12
CA PHE B 414 -23.84 -18.29 2.81
C PHE B 414 -23.95 -18.17 4.33
N PRO B 415 -24.76 -17.27 4.91
CA PRO B 415 -24.88 -17.28 6.38
C PRO B 415 -25.49 -18.56 6.95
N LEU B 416 -26.30 -19.29 6.17
CA LEU B 416 -26.68 -20.64 6.61
C LEU B 416 -25.51 -21.60 6.48
N TYR B 417 -24.73 -21.44 5.41
CA TYR B 417 -23.60 -22.32 5.15
C TYR B 417 -22.56 -22.25 6.27
N VAL B 418 -22.29 -21.05 6.79
CA VAL B 418 -21.30 -20.91 7.85
C VAL B 418 -21.92 -20.97 9.24
N LYS B 419 -23.23 -21.19 9.34
CA LYS B 419 -23.95 -21.25 10.62
C LYS B 419 -23.92 -19.92 11.37
N ALA B 420 -24.01 -18.81 10.63
CA ALA B 420 -24.15 -17.50 11.28
C ALA B 420 -25.60 -17.08 11.47
N ALA B 421 -26.52 -17.66 10.69
CA ALA B 421 -27.90 -17.21 10.67
C ALA B 421 -28.67 -17.73 11.88
N ALA B 422 -29.58 -16.89 12.39
CA ALA B 422 -30.59 -17.38 13.31
C ALA B 422 -31.52 -18.36 12.59
N GLN B 423 -32.09 -19.29 13.35
CA GLN B 423 -32.90 -20.35 12.78
C GLN B 423 -34.09 -19.81 12.01
N ASP B 424 -34.78 -18.80 12.56
CA ASP B 424 -35.93 -18.25 11.87
C ASP B 424 -35.52 -17.66 10.52
N ARG B 425 -34.34 -17.05 10.46
CA ARG B 425 -33.91 -16.46 9.21
C ARG B 425 -33.45 -17.53 8.24
N ALA B 426 -32.92 -18.63 8.75
CA ALA B 426 -32.60 -19.76 7.88
C ALA B 426 -33.85 -20.37 7.27
N ASP B 427 -34.94 -20.48 8.05
CA ASP B 427 -36.19 -21.00 7.51
C ASP B 427 -36.75 -20.08 6.42
N LYS B 428 -36.67 -18.77 6.64
CA LYS B 428 -37.14 -17.81 5.66
C LYS B 428 -36.32 -17.89 4.38
N VAL B 429 -35.00 -18.03 4.50
CA VAL B 429 -34.16 -18.15 3.31
C VAL B 429 -34.48 -19.45 2.57
N ALA B 430 -34.83 -20.50 3.31
CA ALA B 430 -35.22 -21.76 2.69
C ALA B 430 -36.51 -21.61 1.90
N ALA B 431 -37.48 -20.86 2.42
CA ALA B 431 -38.72 -20.66 1.67
C ALA B 431 -38.45 -19.81 0.43
N ALA B 432 -37.77 -18.67 0.60
CA ALA B 432 -37.31 -17.89 -0.55
C ALA B 432 -36.60 -18.72 -1.60
N THR B 433 -35.81 -19.72 -1.18
CA THR B 433 -35.10 -20.57 -2.12
C THR B 433 -36.07 -21.46 -2.88
N SER B 434 -36.91 -22.18 -2.14
CA SER B 434 -38.05 -22.90 -2.68
C SER B 434 -38.76 -22.15 -3.80
N SER B 435 -39.21 -20.93 -3.51
CA SER B 435 -40.14 -20.27 -4.41
C SER B 435 -39.45 -19.44 -5.49
N ARG B 436 -38.19 -19.05 -5.31
CA ARG B 436 -37.55 -18.15 -6.26
C ARG B 436 -36.26 -18.68 -6.88
N LEU B 437 -35.48 -19.50 -6.19
CA LEU B 437 -34.22 -19.92 -6.77
C LEU B 437 -34.19 -21.38 -7.17
N LEU B 438 -35.03 -22.23 -6.59
CA LEU B 438 -35.01 -23.65 -6.93
C LEU B 438 -35.70 -23.83 -8.29
N LYS B 439 -34.90 -24.10 -9.31
CA LYS B 439 -35.31 -24.34 -10.68
C LYS B 439 -35.20 -25.83 -10.98
N PRO B 440 -35.67 -26.28 -12.15
CA PRO B 440 -35.67 -27.73 -12.42
C PRO B 440 -34.29 -28.37 -12.40
N GLY B 441 -33.24 -27.60 -12.65
CA GLY B 441 -31.91 -28.14 -12.76
C GLY B 441 -30.95 -27.69 -11.68
N GLY B 442 -31.47 -27.19 -10.57
CA GLY B 442 -30.66 -26.77 -9.44
C GLY B 442 -31.03 -25.38 -9.00
N ILE B 443 -30.13 -24.74 -8.26
CA ILE B 443 -30.41 -23.43 -7.69
C ILE B 443 -29.86 -22.36 -8.62
N ALA B 444 -30.69 -21.37 -8.92
CA ALA B 444 -30.29 -20.28 -9.80
C ALA B 444 -29.31 -19.37 -9.07
N THR B 445 -28.48 -18.67 -9.85
CA THR B 445 -27.53 -17.78 -9.20
C THR B 445 -28.22 -16.51 -8.73
N THR B 446 -29.06 -15.96 -9.59
CA THR B 446 -29.92 -14.81 -9.30
C THR B 446 -31.23 -15.06 -10.01
N THR B 447 -32.17 -14.13 -9.85
CA THR B 447 -33.43 -14.19 -10.58
C THR B 447 -33.41 -13.27 -11.80
N VAL B 448 -32.24 -12.83 -12.23
CA VAL B 448 -32.12 -11.86 -13.31
C VAL B 448 -31.32 -12.47 -14.44
N ASN B 449 -31.94 -12.61 -15.60
CA ASN B 449 -31.27 -13.08 -16.82
C ASN B 449 -30.69 -11.85 -17.50
N SER B 450 -29.43 -11.57 -17.20
CA SER B 450 -28.77 -10.35 -17.64
C SER B 450 -27.84 -10.57 -18.82
N GLY B 451 -27.53 -11.82 -19.15
CA GLY B 451 -26.42 -12.10 -20.01
C GLY B 451 -25.07 -12.20 -19.32
N GLN B 452 -24.97 -11.87 -18.04
CA GLN B 452 -23.72 -12.09 -17.33
C GLN B 452 -23.65 -13.53 -16.80
N GLN B 453 -22.43 -13.94 -16.45
CA GLN B 453 -22.17 -15.34 -16.10
C GLN B 453 -22.86 -15.72 -14.79
N TRP B 454 -22.76 -14.86 -13.78
CA TRP B 454 -23.29 -15.17 -12.46
C TRP B 454 -24.66 -14.53 -12.32
N ASP B 455 -25.59 -15.13 -13.04
CA ASP B 455 -26.95 -14.62 -13.19
C ASP B 455 -27.79 -15.74 -13.77
N ALA B 456 -29.11 -15.57 -13.68
CA ALA B 456 -30.00 -16.54 -14.32
C ALA B 456 -29.68 -16.62 -15.81
N PRO B 457 -29.75 -17.79 -16.42
CA PRO B 457 -30.22 -19.05 -15.85
C PRO B 457 -29.06 -19.98 -15.48
N ASN B 458 -27.93 -19.39 -15.12
CA ASN B 458 -26.73 -20.16 -14.86
C ASN B 458 -26.68 -20.71 -13.45
N GLY B 459 -26.37 -22.00 -13.33
CA GLY B 459 -26.14 -22.66 -12.06
C GLY B 459 -24.68 -23.06 -11.94
N TRP B 460 -24.06 -22.64 -10.85
CA TRP B 460 -22.65 -22.89 -10.60
C TRP B 460 -22.48 -23.86 -9.45
N ALA B 461 -21.69 -24.90 -9.68
CA ALA B 461 -21.48 -25.96 -8.70
C ALA B 461 -21.22 -25.46 -7.27
N PRO B 462 -20.38 -24.45 -7.03
CA PRO B 462 -20.12 -24.07 -5.62
C PRO B 462 -21.35 -23.58 -4.89
N LEU B 463 -22.20 -22.82 -5.58
CA LEU B 463 -23.46 -22.38 -4.98
C LEU B 463 -24.42 -23.53 -4.72
N GLN B 464 -24.42 -24.56 -5.58
CA GLN B 464 -25.24 -25.74 -5.32
C GLN B 464 -24.86 -26.38 -3.99
N TRP B 465 -23.55 -26.55 -3.76
CA TRP B 465 -23.08 -27.17 -2.52
C TRP B 465 -23.33 -26.26 -1.33
N VAL B 466 -22.96 -24.98 -1.45
CA VAL B 466 -23.23 -24.03 -0.38
C VAL B 466 -24.72 -23.99 -0.04
N ALA B 467 -25.59 -24.08 -1.07
CA ALA B 467 -27.03 -24.09 -0.79
C ALA B 467 -27.44 -25.36 -0.04
N ALA B 468 -27.06 -26.53 -0.58
CA ALA B 468 -27.45 -27.79 0.04
C ALA B 468 -26.91 -27.90 1.46
N GLU B 469 -25.67 -27.46 1.68
CA GLU B 469 -25.09 -27.57 3.02
C GLU B 469 -25.74 -26.61 3.99
N GLY B 470 -25.87 -25.34 3.59
CA GLY B 470 -26.52 -24.37 4.47
C GLY B 470 -27.92 -24.81 4.88
N LEU B 471 -28.72 -25.25 3.91
CA LEU B 471 -30.07 -25.71 4.23
C LEU B 471 -30.04 -26.90 5.18
N GLN B 472 -29.22 -27.89 4.89
CA GLN B 472 -29.10 -29.04 5.76
C GLN B 472 -28.66 -28.64 7.16
N ASN B 473 -27.74 -27.67 7.26
CA ASN B 473 -27.25 -27.17 8.55
C ASN B 473 -28.38 -26.73 9.47
N TYR B 474 -29.49 -26.25 8.90
CA TYR B 474 -30.59 -25.74 9.70
C TYR B 474 -31.83 -26.63 9.61
N GLY B 475 -31.65 -27.89 9.19
CA GLY B 475 -32.73 -28.85 9.25
C GLY B 475 -33.70 -28.81 8.08
N GLN B 476 -33.41 -28.03 7.05
CA GLN B 476 -34.28 -27.98 5.87
C GLN B 476 -33.88 -29.07 4.86
N GLU B 477 -34.05 -30.32 5.27
CA GLU B 477 -33.52 -31.44 4.50
C GLU B 477 -34.22 -31.59 3.15
N LYS B 478 -35.45 -31.11 3.04
CA LYS B 478 -36.22 -31.34 1.81
C LYS B 478 -35.75 -30.41 0.69
N VAL B 479 -35.66 -29.10 0.97
CA VAL B 479 -35.10 -28.19 -0.02
C VAL B 479 -33.66 -28.56 -0.33
N SER B 480 -32.90 -28.95 0.71
CA SER B 480 -31.51 -29.38 0.51
C SER B 480 -31.43 -30.55 -0.43
N MET B 481 -32.27 -31.57 -0.21
CA MET B 481 -32.26 -32.72 -1.11
C MET B 481 -32.78 -32.35 -2.49
N ASP B 482 -33.71 -31.38 -2.58
CA ASP B 482 -34.15 -30.92 -3.89
C ASP B 482 -32.98 -30.37 -4.71
N VAL B 483 -32.20 -29.47 -4.10
CA VAL B 483 -31.04 -28.87 -4.77
C VAL B 483 -30.07 -29.95 -5.22
N THR B 484 -29.74 -30.86 -4.31
CA THR B 484 -28.79 -31.92 -4.62
C THR B 484 -29.28 -32.77 -5.77
N TRP B 485 -30.56 -33.15 -5.73
CA TRP B 485 -31.07 -34.09 -6.72
CA TRP B 485 -31.10 -34.07 -6.72
C TRP B 485 -31.23 -33.42 -8.08
N ARG B 486 -31.83 -32.22 -8.12
CA ARG B 486 -32.01 -31.54 -9.40
C ARG B 486 -30.68 -31.15 -10.04
N PHE B 487 -29.70 -30.73 -9.25
CA PHE B 487 -28.42 -30.42 -9.87
C PHE B 487 -27.70 -31.69 -10.29
N LEU B 488 -27.78 -32.76 -9.48
CA LEU B 488 -27.18 -34.03 -9.89
C LEU B 488 -27.80 -34.50 -11.21
N LYS B 489 -29.13 -34.38 -11.34
CA LYS B 489 -29.79 -34.77 -12.59
C LYS B 489 -29.22 -33.99 -13.75
N ASN B 490 -28.99 -32.69 -13.55
CA ASN B 490 -28.41 -31.85 -14.59
C ASN B 490 -27.04 -32.40 -15.02
N VAL B 491 -26.15 -32.65 -14.05
CA VAL B 491 -24.80 -33.10 -14.37
C VAL B 491 -24.84 -34.47 -15.05
N GLN B 492 -25.74 -35.36 -14.62
CA GLN B 492 -25.76 -36.72 -15.17
C GLN B 492 -26.30 -36.72 -16.59
N HIS B 493 -27.40 -35.99 -16.84
CA HIS B 493 -27.91 -35.84 -18.19
C HIS B 493 -26.88 -35.21 -19.12
N THR B 494 -26.19 -34.17 -18.65
CA THR B 494 -25.15 -33.58 -19.48
C THR B 494 -24.05 -34.60 -19.75
N TYR B 495 -23.74 -35.42 -18.75
CA TYR B 495 -22.71 -36.44 -18.93
C TYR B 495 -23.19 -37.55 -19.88
N ASP B 496 -24.50 -37.76 -19.99
CA ASP B 496 -25.03 -38.76 -20.93
C ASP B 496 -24.86 -38.28 -22.36
N ARG B 497 -25.24 -37.03 -22.62
CA ARG B 497 -25.16 -36.51 -23.98
C ARG B 497 -23.72 -36.24 -24.41
N GLU B 498 -22.91 -35.64 -23.52
CA GLU B 498 -21.65 -35.03 -23.92
C GLU B 498 -20.42 -35.68 -23.31
N LYS B 499 -20.59 -36.69 -22.44
CA LYS B 499 -19.48 -37.41 -21.78
C LYS B 499 -18.46 -36.45 -21.14
N LYS B 500 -18.95 -35.41 -20.47
CA LYS B 500 -18.06 -34.46 -19.80
C LYS B 500 -18.80 -33.71 -18.72
N LEU B 501 -18.03 -33.14 -17.79
CA LEU B 501 -18.52 -32.11 -16.89
C LEU B 501 -18.05 -30.74 -17.36
N VAL B 502 -18.89 -29.74 -17.13
CA VAL B 502 -18.61 -28.40 -17.60
C VAL B 502 -18.56 -27.44 -16.43
N GLU B 503 -18.30 -26.16 -16.71
CA GLU B 503 -18.07 -25.19 -15.64
C GLU B 503 -19.36 -24.70 -15.01
N LYS B 504 -20.45 -24.64 -15.79
CA LYS B 504 -21.74 -24.17 -15.33
C LYS B 504 -22.82 -24.93 -16.09
N TYR B 505 -24.03 -24.91 -15.53
CA TYR B 505 -25.16 -25.64 -16.11
C TYR B 505 -26.33 -24.69 -16.22
N ASP B 506 -27.21 -24.94 -17.19
CA ASP B 506 -28.48 -24.22 -17.29
C ASP B 506 -29.48 -24.91 -16.35
N VAL B 507 -29.95 -24.19 -15.34
CA VAL B 507 -30.83 -24.80 -14.34
C VAL B 507 -32.30 -24.75 -14.76
N SER B 508 -32.62 -24.10 -15.87
CA SER B 508 -34.01 -24.02 -16.29
C SER B 508 -34.58 -25.37 -16.70
N THR B 509 -33.72 -26.31 -17.09
CA THR B 509 -34.11 -27.69 -17.38
C THR B 509 -32.97 -28.58 -16.95
N THR B 510 -33.02 -29.85 -17.34
CA THR B 510 -31.94 -30.80 -17.04
C THR B 510 -31.15 -31.28 -18.26
N GLY B 511 -31.71 -31.22 -19.46
CA GLY B 511 -30.97 -31.55 -20.68
C GLY B 511 -30.93 -30.35 -21.62
N THR B 512 -29.75 -30.10 -22.20
CA THR B 512 -29.47 -28.87 -22.96
C THR B 512 -29.64 -27.63 -22.09
N GLY B 517 -22.06 -21.50 -24.60
CA GLY B 517 -20.67 -21.79 -24.92
C GLY B 517 -19.84 -22.24 -23.72
N GLU B 518 -20.00 -23.51 -23.33
CA GLU B 518 -19.39 -24.06 -22.14
C GLU B 518 -17.95 -24.51 -22.41
N TYR B 519 -17.32 -25.11 -21.40
CA TYR B 519 -15.97 -25.66 -21.50
C TYR B 519 -15.90 -26.69 -22.63
N PRO B 520 -15.00 -26.52 -23.60
CA PRO B 520 -15.09 -27.32 -24.84
C PRO B 520 -14.35 -28.64 -24.84
N LEU B 521 -13.51 -28.92 -23.85
CA LEU B 521 -12.77 -30.17 -23.78
C LEU B 521 -13.45 -31.16 -22.85
N GLN B 522 -13.02 -32.42 -22.93
CA GLN B 522 -13.67 -33.52 -22.25
C GLN B 522 -13.08 -33.83 -20.88
N ASP B 523 -12.00 -33.15 -20.52
CA ASP B 523 -11.29 -33.35 -19.25
C ASP B 523 -11.76 -32.36 -18.20
N GLY B 524 -13.05 -32.06 -18.22
CA GLY B 524 -13.58 -30.89 -17.57
C GLY B 524 -13.97 -30.94 -16.11
N PHE B 525 -13.22 -30.15 -15.38
CA PHE B 525 -13.69 -29.10 -14.49
C PHE B 525 -13.94 -29.35 -13.00
N GLY B 526 -12.83 -29.11 -12.30
CA GLY B 526 -12.72 -29.02 -10.86
C GLY B 526 -13.99 -29.03 -10.04
N TRP B 527 -14.64 -27.87 -9.87
CA TRP B 527 -15.60 -27.79 -8.78
C TRP B 527 -16.89 -28.53 -9.10
N SER B 528 -17.27 -28.63 -10.38
CA SER B 528 -18.37 -29.51 -10.74
C SER B 528 -18.04 -30.96 -10.40
N ASN B 529 -16.81 -31.39 -10.69
CA ASN B 529 -16.38 -32.73 -10.31
C ASN B 529 -16.43 -32.90 -8.80
N GLY B 530 -15.82 -31.97 -8.06
CA GLY B 530 -15.77 -32.09 -6.61
C GLY B 530 -17.15 -32.13 -5.99
N VAL B 531 -18.01 -31.18 -6.37
CA VAL B 531 -19.37 -31.15 -5.83
C VAL B 531 -20.15 -32.40 -6.23
N THR B 532 -19.95 -32.88 -7.47
CA THR B 532 -20.70 -34.05 -7.92
C THR B 532 -20.39 -35.27 -7.06
N LEU B 533 -19.11 -35.52 -6.79
CA LEU B 533 -18.78 -36.63 -5.91
C LEU B 533 -19.51 -36.52 -4.57
N LYS B 534 -19.41 -35.35 -3.90
CA LYS B 534 -20.03 -35.18 -2.59
C LYS B 534 -21.53 -35.43 -2.64
N MET B 535 -22.19 -34.89 -3.67
CA MET B 535 -23.64 -35.05 -3.77
C MET B 535 -24.01 -36.48 -4.15
N LEU B 536 -23.26 -37.07 -5.07
CA LEU B 536 -23.51 -38.44 -5.46
C LEU B 536 -23.47 -39.36 -4.23
N ASP B 537 -22.54 -39.12 -3.31
CA ASP B 537 -22.47 -39.94 -2.11
C ASP B 537 -23.74 -39.82 -1.25
N ARG B 538 -24.44 -38.69 -1.33
CA ARG B 538 -25.57 -38.45 -0.43
C ARG B 538 -26.82 -39.19 -0.84
N VAL B 539 -26.99 -39.48 -2.13
CA VAL B 539 -28.28 -39.98 -2.59
C VAL B 539 -28.30 -41.50 -2.70
N CYS B 540 -27.26 -42.16 -2.20
CA CYS B 540 -27.20 -43.60 -2.19
C CYS B 540 -26.57 -44.03 -0.87
N PRO B 541 -26.93 -45.21 -0.37
CA PRO B 541 -26.40 -45.65 0.92
C PRO B 541 -24.88 -45.69 0.90
N LYS B 542 -24.29 -45.35 2.04
CA LYS B 542 -22.83 -45.37 2.16
C LYS B 542 -22.28 -46.74 1.81
N ALA B 543 -22.98 -47.80 2.22
CA ALA B 543 -22.48 -49.15 2.02
C ALA B 543 -22.69 -49.67 0.60
N LYS B 544 -23.50 -48.99 -0.21
CA LYS B 544 -23.71 -49.36 -1.61
C LYS B 544 -23.67 -48.10 -2.45
N PRO B 545 -22.49 -47.49 -2.61
CA PRO B 545 -22.41 -46.23 -3.34
C PRO B 545 -22.74 -46.42 -4.80
N CYS B 546 -23.41 -45.42 -5.38
CA CYS B 546 -23.72 -45.43 -6.80
C CYS B 546 -22.59 -44.78 -7.60
N ASP B 547 -22.43 -45.27 -8.82
CA ASP B 547 -21.47 -44.67 -9.75
C ASP B 547 -22.16 -43.77 -10.75
N SER B 548 -23.48 -43.87 -10.87
CA SER B 548 -24.25 -42.93 -11.66
C SER B 548 -25.40 -42.43 -10.81
N VAL B 549 -26.02 -41.35 -11.25
CA VAL B 549 -27.17 -40.80 -10.53
C VAL B 549 -28.35 -41.74 -10.74
N PRO B 550 -28.92 -42.28 -9.66
CA PRO B 550 -30.11 -43.13 -9.79
C PRO B 550 -31.24 -42.38 -10.50
N GLU B 551 -32.20 -43.14 -11.01
CA GLU B 551 -33.28 -42.52 -11.77
C GLU B 551 -34.33 -41.87 -10.90
N ASN B 552 -34.37 -42.15 -9.59
CA ASN B 552 -35.48 -41.70 -8.76
C ASN B 552 -35.00 -41.26 -7.39
N GLN B 553 -35.43 -40.05 -7.00
CA GLN B 553 -35.08 -39.49 -5.70
C GLN B 553 -35.64 -40.33 -4.57
N PRO B 554 -34.85 -40.69 -3.53
CA PRO B 554 -35.30 -41.53 -2.41
C PRO B 554 -36.38 -40.85 -1.56
S SO4 C . -1.40 28.14 -7.74
O1 SO4 C . -2.24 29.33 -7.52
O2 SO4 C . -0.25 28.24 -6.82
O3 SO4 C . -2.16 26.91 -7.43
O4 SO4 C . -0.97 28.05 -9.15
S SO4 D . 9.64 0.95 -1.03
O1 SO4 D . 8.58 1.96 -1.18
O2 SO4 D . 10.23 0.98 0.32
O3 SO4 D . 9.07 -0.38 -1.28
O4 SO4 D . 10.69 1.23 -2.01
S SO4 E . 34.88 14.99 17.21
O1 SO4 E . 34.03 15.49 18.28
O2 SO4 E . 35.34 13.66 17.61
O3 SO4 E . 34.12 14.90 15.97
O4 SO4 E . 36.04 15.86 16.98
S SO4 F . 24.98 9.23 25.85
O1 SO4 F . 24.21 10.47 25.95
O2 SO4 F . 25.92 9.17 26.98
O3 SO4 F . 24.08 8.09 25.89
O4 SO4 F . 25.75 9.25 24.60
S SO4 G . 28.69 20.53 -9.45
O1 SO4 G . 27.85 21.33 -10.36
O2 SO4 G . 29.34 21.43 -8.47
O3 SO4 G . 27.85 19.58 -8.72
O4 SO4 G . 29.70 19.79 -10.21
S SO4 H . 38.53 37.18 4.39
O1 SO4 H . 38.31 38.62 4.61
O2 SO4 H . 39.95 36.86 4.41
O3 SO4 H . 37.88 36.49 5.50
O4 SO4 H . 37.93 36.77 3.12
C1 GOL I . 8.76 15.30 11.44
O1 GOL I . 9.63 15.16 10.32
C2 GOL I . 7.42 14.62 11.14
O2 GOL I . 7.64 13.31 10.63
C3 GOL I . 6.55 14.53 12.41
O3 GOL I . 5.35 13.82 12.16
S SO4 J . -2.54 -38.91 -3.34
O1 SO4 J . -3.30 -38.00 -2.49
O2 SO4 J . -1.23 -38.31 -3.67
O3 SO4 J . -2.32 -40.12 -2.56
O4 SO4 J . -3.26 -39.17 -4.58
S SO4 K . -1.88 -5.00 0.34
O1 SO4 K . -0.96 -3.98 -0.16
O2 SO4 K . -1.60 -5.22 1.76
O3 SO4 K . -3.25 -4.53 0.14
O4 SO4 K . -1.67 -6.25 -0.40
S SO4 L . -31.40 -3.16 -4.80
O1 SO4 L . -32.05 -3.04 -3.49
O2 SO4 L . -30.47 -2.03 -4.86
O3 SO4 L . -30.69 -4.43 -4.96
O4 SO4 L . -32.41 -3.11 -5.87
S SO4 M . -18.23 -24.30 13.93
O1 SO4 M . -19.54 -23.65 13.93
O2 SO4 M . -17.69 -24.30 15.30
O3 SO4 M . -18.34 -25.66 13.38
O4 SO4 M . -17.33 -23.50 13.10
C1 GOL N . -10.08 -13.48 -14.70
O1 GOL N . -10.03 -12.06 -14.85
C2 GOL N . -9.80 -13.93 -13.26
O2 GOL N . -9.76 -12.85 -12.37
C3 GOL N . -10.86 -14.95 -12.81
O3 GOL N . -10.77 -15.20 -11.42
#